data_1N95
#
_entry.id   1N95
#
_cell.length_a   171.126
_cell.length_b   171.126
_cell.length_c   69.404
_cell.angle_alpha   90
_cell.angle_beta   90
_cell.angle_gamma   120
#
_symmetry.space_group_name_H-M   'P 61'
#
loop_
_entity.id
_entity.type
_entity.pdbx_description
1 polymer 'Protein farnesyltransferase alpha subunit'
2 polymer 'Protein farnesyltransferase beta subunit'
3 non-polymer 'ZINC ION'
4 non-polymer 'ALPHA-HYDROXYFARNESYLPHOSPHONIC ACID'
5 non-polymer 1-[2-(4-CYANO-BENZYLAMINO)-3-(3-METHYL-3H-IMIDAZOL-4-YL)-PROPIONYL]-5-NAPHTHALEN-1-YL-1,2,3,6-TETRAHYDRO-PYRIDINE-4-CARBONITRILE
#
loop_
_entity_poly.entity_id
_entity_poly.type
_entity_poly.pdbx_seq_one_letter_code
_entity_poly.pdbx_strand_id
1 'polypeptide(L)'
;FLSLDSPTYVLYRDRAEWADIDPVPQNDGPSPVVQIIYSEKFRDVYDYFRAVLQRDERSERAFKLTRDAIELNAANYTVW
HFRRVLLRSLQKDLQEEMNYITAIIEEQPKNYQVWHHRRVLVEWLKDPSQELEFIADILNQDAKNYHAWQHRQWVIQEFR
LWDNELQYVDQLLKEDVRNNSVWNQRHFVISNTTGYSDRAVLEREVQYTLEMIKLVPHNESAWNYLKGILQDRGLSRYPN
LLNQLLDLQPSHSSPYLIAFLVDIYEDMLENQCDNKEDILNKALELCEILAKEKDTIRKEYWRYIGRSLQSKHSR
;
A
2 'polypeptide(L)'
;PLYSLRPEHARERLQDDSVETVTSIEQAKVEEKIQEVFSSYKFNHLVPRLVLQREKHFHYLKRGLRQLTDAYECLDASRP
WLCYWILHSLELLDEPIPQIVATDVCQFLELCQSPDGGFGGGPGQYPHLAPTYAAVNALCIIGTEEAYNVINREKLLQYL
YSLKQPDGSFLMHVGGEVDVRSAYCAASVASLTNIITPDLFEGTAEWIARCQNWEGGIGGVPGMEAHGGYTFCGLAALVI
LKKERSLNLKSLLQWVTSRQMRFEGGFQGRCNKLVDGCYSFWQAGLLPLLHRALHAQGDPALSMSHWMFHQQALQEYILM
CCQCPAGGLLDKPGKSRDFYHTCYCLSGLSIAQHFGSGAMLHDVVMGVPENVLQPTHPVYNIGPDKVIQATTHFLQKPVP
GF
;
B
#
loop_
_chem_comp.id
_chem_comp.type
_chem_comp.name
_chem_comp.formula
FTH non-polymer 1-[2-(4-CYANO-BENZYLAMINO)-3-(3-METHYL-3H-IMIDAZOL-4-YL)-PROPIONYL]-5-NAPHTHALEN-1-YL-1,2,3,6-TETRAHYDRO-PYRIDINE-4-CARBONITRILE 'C31 H28 N6 O'
HFP non-polymer 'ALPHA-HYDROXYFARNESYLPHOSPHONIC ACID' 'C15 H33 O4 P'
ZN non-polymer 'ZINC ION' 'Zn 2'
#
# COMPACT_ATOMS: atom_id res chain seq x y z
N PHE A 1 -36.22 -4.40 1.25
CA PHE A 1 -37.66 -4.68 1.58
C PHE A 1 -37.88 -4.49 3.08
N LEU A 2 -36.91 -4.93 3.89
CA LEU A 2 -36.98 -4.83 5.36
C LEU A 2 -35.55 -4.51 5.85
N SER A 3 -35.39 -3.30 6.39
CA SER A 3 -34.11 -2.82 6.90
C SER A 3 -33.49 -3.68 8.00
N LEU A 4 -32.15 -3.71 7.98
CA LEU A 4 -31.41 -4.45 8.98
C LEU A 4 -31.49 -3.61 10.24
N ASP A 5 -31.83 -2.33 10.06
CA ASP A 5 -31.95 -1.37 11.17
C ASP A 5 -33.35 -1.09 11.68
N SER A 6 -34.34 -1.57 10.97
CA SER A 6 -35.71 -1.37 11.35
C SER A 6 -35.90 -1.94 12.76
N PRO A 7 -36.70 -1.27 13.57
CA PRO A 7 -36.98 -1.71 14.93
C PRO A 7 -37.76 -3.02 14.89
N THR A 8 -38.44 -3.25 13.77
CA THR A 8 -39.26 -4.44 13.60
C THR A 8 -38.63 -5.40 12.60
N TYR A 9 -37.30 -5.49 12.64
CA TYR A 9 -36.56 -6.39 11.76
C TYR A 9 -36.62 -7.79 12.33
N VAL A 10 -36.90 -8.78 11.48
CA VAL A 10 -36.99 -10.17 11.94
C VAL A 10 -36.02 -11.06 11.23
N LEU A 11 -35.42 -11.98 11.98
CA LEU A 11 -34.44 -12.92 11.43
C LEU A 11 -35.05 -13.71 10.28
N TYR A 12 -34.20 -14.11 9.35
CA TYR A 12 -34.65 -14.86 8.21
C TYR A 12 -35.24 -16.18 8.67
N ARG A 13 -34.68 -16.73 9.73
CA ARG A 13 -35.20 -17.99 10.22
C ARG A 13 -36.65 -17.80 10.68
N ASP A 14 -36.93 -16.62 11.23
CA ASP A 14 -38.26 -16.33 11.69
C ASP A 14 -39.18 -15.86 10.56
N ARG A 15 -38.71 -15.93 9.32
CA ARG A 15 -39.53 -15.46 8.22
C ARG A 15 -40.34 -16.50 7.47
N ALA A 16 -41.60 -16.14 7.22
CA ALA A 16 -42.57 -16.99 6.56
C ALA A 16 -42.26 -17.27 5.10
N GLU A 17 -41.63 -16.31 4.43
CA GLU A 17 -41.31 -16.47 3.01
C GLU A 17 -39.93 -17.11 2.82
N TRP A 18 -39.33 -17.49 3.94
CA TRP A 18 -38.02 -18.13 3.99
C TRP A 18 -38.05 -19.36 4.90
N ALA A 19 -38.98 -20.27 4.64
CA ALA A 19 -39.13 -21.47 5.45
C ALA A 19 -38.90 -22.72 4.59
N ASP A 20 -39.02 -22.53 3.28
CA ASP A 20 -38.77 -23.65 2.35
C ASP A 20 -37.32 -23.95 2.21
N ILE A 21 -36.53 -22.98 2.61
CA ILE A 21 -35.11 -23.13 2.53
C ILE A 21 -34.50 -23.48 3.89
N ASP A 22 -33.41 -24.23 3.87
CA ASP A 22 -32.71 -24.62 5.07
C ASP A 22 -31.41 -23.80 5.10
N PRO A 23 -31.17 -23.05 6.18
CA PRO A 23 -29.97 -22.24 6.31
C PRO A 23 -28.71 -23.09 6.40
N VAL A 24 -27.84 -22.89 5.41
CA VAL A 24 -26.56 -23.58 5.33
C VAL A 24 -25.56 -22.77 6.15
N PRO A 25 -25.10 -23.33 7.28
CA PRO A 25 -24.14 -22.71 8.22
C PRO A 25 -22.72 -22.77 7.72
N GLN A 26 -21.87 -21.90 8.26
CA GLN A 26 -20.48 -21.89 7.84
C GLN A 26 -19.76 -23.10 8.40
N ASN A 27 -18.91 -23.70 7.58
CA ASN A 27 -18.13 -24.88 7.96
C ASN A 27 -16.65 -24.47 8.14
N ASP A 28 -16.27 -24.12 9.36
CA ASP A 28 -14.92 -23.68 9.68
C ASP A 28 -14.09 -24.85 10.13
N GLY A 29 -14.66 -26.05 10.10
CA GLY A 29 -13.90 -27.22 10.51
C GLY A 29 -13.94 -27.47 12.01
N PRO A 30 -13.93 -28.74 12.43
CA PRO A 30 -13.96 -29.23 13.81
C PRO A 30 -13.06 -28.50 14.79
N SER A 31 -12.03 -27.86 14.27
CA SER A 31 -11.11 -27.11 15.09
C SER A 31 -10.82 -25.79 14.42
N PRO A 32 -11.62 -24.77 14.72
CA PRO A 32 -11.51 -23.42 14.16
C PRO A 32 -10.24 -22.63 14.54
N VAL A 33 -9.91 -21.67 13.67
CA VAL A 33 -8.79 -20.75 13.82
C VAL A 33 -9.33 -19.39 13.38
N VAL A 34 -8.74 -18.30 13.85
CA VAL A 34 -9.23 -16.96 13.55
C VAL A 34 -10.71 -17.04 13.24
N GLN A 35 -11.45 -17.51 14.22
CA GLN A 35 -12.87 -17.71 14.13
C GLN A 35 -13.63 -16.52 14.72
N ILE A 36 -14.44 -15.89 13.87
CA ILE A 36 -15.22 -14.73 14.29
C ILE A 36 -16.52 -15.12 15.00
N ILE A 37 -16.84 -14.45 16.10
CA ILE A 37 -18.06 -14.70 16.85
C ILE A 37 -19.06 -13.73 16.26
N TYR A 38 -19.76 -14.18 15.22
CA TYR A 38 -20.75 -13.35 14.58
C TYR A 38 -21.93 -13.14 15.51
N SER A 39 -22.69 -12.09 15.21
CA SER A 39 -23.87 -11.77 15.96
C SER A 39 -24.94 -12.73 15.43
N GLU A 40 -26.04 -12.90 16.16
CA GLU A 40 -27.11 -13.80 15.73
C GLU A 40 -27.62 -13.30 14.38
N LYS A 41 -27.56 -11.97 14.20
CA LYS A 41 -28.04 -11.34 12.96
C LYS A 41 -27.14 -11.55 11.77
N PHE A 42 -25.84 -11.42 12.00
CA PHE A 42 -24.85 -11.61 10.95
C PHE A 42 -24.86 -13.08 10.48
N ARG A 43 -24.85 -13.99 11.44
CA ARG A 43 -24.90 -15.42 11.18
C ARG A 43 -26.19 -15.79 10.47
N ASP A 44 -27.31 -15.18 10.86
CA ASP A 44 -28.59 -15.50 10.25
C ASP A 44 -28.61 -15.20 8.76
N VAL A 45 -28.30 -13.95 8.39
CA VAL A 45 -28.32 -13.56 6.98
C VAL A 45 -27.39 -14.45 6.14
N TYR A 46 -26.18 -14.65 6.63
CA TYR A 46 -25.22 -15.47 5.90
C TYR A 46 -25.51 -16.96 5.82
N ASP A 47 -26.14 -17.56 6.83
CA ASP A 47 -26.46 -18.99 6.78
C ASP A 47 -27.42 -19.09 5.60
N TYR A 48 -28.25 -18.06 5.44
CA TYR A 48 -29.23 -18.01 4.36
C TYR A 48 -28.56 -17.69 3.05
N PHE A 49 -27.46 -16.94 3.10
CA PHE A 49 -26.77 -16.64 1.85
C PHE A 49 -26.09 -17.90 1.33
N ARG A 50 -25.41 -18.62 2.22
CA ARG A 50 -24.72 -19.84 1.84
C ARG A 50 -25.66 -20.76 1.09
N ALA A 51 -26.92 -20.77 1.51
CA ALA A 51 -27.95 -21.64 0.93
C ALA A 51 -28.47 -21.22 -0.42
N VAL A 52 -28.85 -19.95 -0.54
CA VAL A 52 -29.38 -19.41 -1.77
C VAL A 52 -28.29 -19.53 -2.84
N LEU A 53 -27.07 -19.18 -2.43
CA LEU A 53 -25.92 -19.27 -3.32
C LEU A 53 -25.67 -20.73 -3.69
N GLN A 54 -25.58 -21.56 -2.67
CA GLN A 54 -25.35 -22.99 -2.86
C GLN A 54 -26.40 -23.58 -3.80
N ARG A 55 -27.62 -23.07 -3.72
CA ARG A 55 -28.71 -23.55 -4.58
C ARG A 55 -28.61 -22.84 -5.92
N ASP A 56 -27.89 -21.72 -5.91
CA ASP A 56 -27.75 -20.86 -7.09
C ASP A 56 -29.15 -20.40 -7.40
N GLU A 57 -29.90 -20.15 -6.34
CA GLU A 57 -31.25 -19.67 -6.48
C GLU A 57 -31.08 -18.24 -6.97
N ARG A 58 -31.44 -18.01 -8.23
CA ARG A 58 -31.31 -16.66 -8.82
C ARG A 58 -32.67 -16.00 -8.78
N SER A 59 -33.10 -15.72 -7.56
CA SER A 59 -34.40 -15.15 -7.28
C SER A 59 -34.39 -13.77 -6.71
N GLU A 60 -35.57 -13.16 -6.78
CA GLU A 60 -35.77 -11.82 -6.26
C GLU A 60 -35.53 -11.76 -4.76
N ARG A 61 -35.93 -12.79 -4.03
CA ARG A 61 -35.72 -12.79 -2.60
C ARG A 61 -34.22 -12.94 -2.34
N ALA A 62 -33.53 -13.70 -3.21
CA ALA A 62 -32.10 -13.88 -3.06
C ALA A 62 -31.44 -12.52 -3.26
N PHE A 63 -31.95 -11.77 -4.23
CA PHE A 63 -31.45 -10.44 -4.56
C PHE A 63 -31.56 -9.51 -3.37
N LYS A 64 -32.75 -9.42 -2.80
CA LYS A 64 -32.95 -8.56 -1.64
C LYS A 64 -32.04 -8.96 -0.45
N LEU A 65 -31.67 -10.24 -0.37
CA LEU A 65 -30.83 -10.74 0.73
C LEU A 65 -29.36 -10.40 0.57
N THR A 66 -28.85 -10.29 -0.65
CA THR A 66 -27.44 -9.97 -0.83
C THR A 66 -27.26 -8.56 -0.30
N ARG A 67 -28.31 -7.76 -0.46
CA ARG A 67 -28.35 -6.41 0.03
C ARG A 67 -28.04 -6.35 1.53
N ASP A 68 -28.67 -7.24 2.29
CA ASP A 68 -28.44 -7.30 3.74
C ASP A 68 -27.05 -7.89 3.99
N ALA A 69 -26.65 -8.86 3.19
CA ALA A 69 -25.35 -9.52 3.35
C ALA A 69 -24.24 -8.55 3.08
N ILE A 70 -24.49 -7.63 2.14
CA ILE A 70 -23.54 -6.60 1.75
C ILE A 70 -23.47 -5.56 2.84
N GLU A 71 -24.58 -5.27 3.49
CA GLU A 71 -24.56 -4.27 4.54
C GLU A 71 -23.85 -4.80 5.78
N LEU A 72 -23.88 -6.11 5.99
CA LEU A 72 -23.25 -6.72 7.15
C LEU A 72 -21.74 -6.79 6.92
N ASN A 73 -21.34 -6.95 5.66
CA ASN A 73 -19.92 -6.99 5.29
C ASN A 73 -19.77 -6.59 3.84
N ALA A 74 -19.70 -5.30 3.59
CA ALA A 74 -19.57 -4.79 2.23
C ALA A 74 -18.35 -5.27 1.48
N ALA A 75 -17.36 -5.74 2.24
CA ALA A 75 -16.11 -6.22 1.68
C ALA A 75 -16.18 -7.67 1.22
N ASN A 76 -17.37 -8.25 1.28
CA ASN A 76 -17.54 -9.64 0.86
C ASN A 76 -17.74 -9.63 -0.64
N TYR A 77 -16.65 -9.85 -1.37
CA TYR A 77 -16.63 -9.87 -2.83
C TYR A 77 -17.43 -11.00 -3.49
N THR A 78 -17.63 -12.10 -2.77
CA THR A 78 -18.37 -13.27 -3.28
C THR A 78 -19.85 -12.90 -3.40
N VAL A 79 -20.37 -12.21 -2.39
CA VAL A 79 -21.75 -11.76 -2.40
C VAL A 79 -21.91 -10.73 -3.49
N TRP A 80 -20.92 -9.85 -3.64
CA TRP A 80 -20.99 -8.81 -4.67
C TRP A 80 -21.03 -9.42 -6.06
N HIS A 81 -20.39 -10.57 -6.20
CA HIS A 81 -20.36 -11.26 -7.48
C HIS A 81 -21.76 -11.86 -7.80
N PHE A 82 -22.30 -12.63 -6.86
CA PHE A 82 -23.60 -13.25 -7.01
C PHE A 82 -24.62 -12.18 -7.26
N ARG A 83 -24.44 -10.99 -6.68
CA ARG A 83 -25.40 -9.91 -6.91
C ARG A 83 -25.36 -9.41 -8.35
N ARG A 84 -24.19 -9.43 -8.99
CA ARG A 84 -24.12 -8.96 -10.36
C ARG A 84 -24.78 -10.00 -11.26
N VAL A 85 -24.66 -11.28 -10.88
CA VAL A 85 -25.28 -12.37 -11.62
C VAL A 85 -26.79 -12.16 -11.56
N LEU A 86 -27.31 -11.85 -10.38
CA LEU A 86 -28.73 -11.64 -10.24
C LEU A 86 -29.14 -10.39 -11.05
N LEU A 87 -28.25 -9.41 -11.11
CA LEU A 87 -28.56 -8.21 -11.87
C LEU A 87 -28.84 -8.55 -13.34
N ARG A 88 -28.02 -9.45 -13.90
CA ARG A 88 -28.18 -9.85 -15.30
C ARG A 88 -29.35 -10.80 -15.44
N SER A 89 -29.35 -11.87 -14.65
CA SER A 89 -30.40 -12.86 -14.68
C SER A 89 -31.77 -12.24 -14.48
N LEU A 90 -32.04 -11.76 -13.27
CA LEU A 90 -33.35 -11.15 -13.00
C LEU A 90 -33.61 -9.94 -13.89
N GLN A 91 -32.62 -9.59 -14.71
CA GLN A 91 -32.75 -8.43 -15.57
C GLN A 91 -33.24 -7.25 -14.71
N LYS A 92 -32.38 -6.72 -13.85
CA LYS A 92 -32.75 -5.62 -12.97
C LYS A 92 -32.46 -4.27 -13.60
N ASP A 93 -33.19 -3.25 -13.16
CA ASP A 93 -32.99 -1.88 -13.66
C ASP A 93 -31.64 -1.43 -13.10
N LEU A 94 -30.66 -1.30 -13.97
CA LEU A 94 -29.33 -0.93 -13.54
C LEU A 94 -29.20 0.49 -13.01
N GLN A 95 -29.96 1.42 -13.57
CA GLN A 95 -29.90 2.81 -13.10
C GLN A 95 -30.35 2.87 -11.64
N GLU A 96 -31.32 2.04 -11.33
CA GLU A 96 -31.83 1.92 -9.99
C GLU A 96 -30.66 1.37 -9.15
N GLU A 97 -29.88 0.46 -9.73
CA GLU A 97 -28.75 -0.11 -9.02
C GLU A 97 -27.63 0.91 -8.90
N MET A 98 -27.54 1.83 -9.85
CA MET A 98 -26.51 2.87 -9.81
C MET A 98 -26.74 3.70 -8.56
N ASN A 99 -28.01 3.92 -8.24
CA ASN A 99 -28.36 4.69 -7.07
C ASN A 99 -27.96 3.97 -5.79
N TYR A 100 -28.16 2.66 -5.78
CA TYR A 100 -27.82 1.84 -4.64
C TYR A 100 -26.32 1.99 -4.42
N ILE A 101 -25.51 1.58 -5.38
CA ILE A 101 -24.05 1.66 -5.25
C ILE A 101 -23.58 3.10 -4.93
N THR A 102 -24.36 4.08 -5.35
CA THR A 102 -24.00 5.46 -5.08
C THR A 102 -24.05 5.72 -3.59
N ALA A 103 -25.11 5.26 -2.96
CA ALA A 103 -25.29 5.43 -1.53
C ALA A 103 -24.29 4.62 -0.72
N ILE A 104 -24.04 3.39 -1.16
CA ILE A 104 -23.12 2.49 -0.48
C ILE A 104 -21.69 3.04 -0.50
N ILE A 105 -21.29 3.62 -1.63
CA ILE A 105 -19.95 4.17 -1.76
C ILE A 105 -19.84 5.39 -0.84
N GLU A 106 -20.93 6.16 -0.73
CA GLU A 106 -20.90 7.33 0.14
C GLU A 106 -20.60 6.85 1.54
N GLU A 107 -21.07 5.65 1.85
CA GLU A 107 -20.87 5.06 3.17
C GLU A 107 -19.50 4.42 3.41
N GLN A 108 -18.96 3.77 2.38
CA GLN A 108 -17.68 3.07 2.42
C GLN A 108 -16.89 3.43 1.19
N PRO A 109 -16.39 4.67 1.12
CA PRO A 109 -15.62 5.15 -0.03
C PRO A 109 -14.24 4.62 -0.17
N LYS A 110 -13.85 3.72 0.72
CA LYS A 110 -12.53 3.13 0.67
C LYS A 110 -12.59 1.62 0.51
N ASN A 111 -13.77 1.15 0.13
CA ASN A 111 -14.02 -0.26 -0.09
C ASN A 111 -13.67 -0.50 -1.57
N TYR A 112 -12.98 -1.59 -1.84
CA TYR A 112 -12.58 -1.95 -3.20
C TYR A 112 -13.71 -2.48 -4.08
N GLN A 113 -14.63 -3.24 -3.48
CA GLN A 113 -15.73 -3.87 -4.22
C GLN A 113 -16.78 -2.94 -4.75
N VAL A 114 -17.10 -1.93 -3.95
CA VAL A 114 -18.11 -0.95 -4.30
C VAL A 114 -17.73 -0.11 -5.50
N TRP A 115 -16.46 0.30 -5.59
CA TRP A 115 -16.00 1.09 -6.72
C TRP A 115 -15.99 0.25 -7.97
N HIS A 116 -15.55 -0.99 -7.83
CA HIS A 116 -15.49 -1.88 -8.96
C HIS A 116 -16.85 -2.23 -9.48
N HIS A 117 -17.80 -2.37 -8.56
CA HIS A 117 -19.15 -2.72 -8.93
C HIS A 117 -19.73 -1.57 -9.74
N ARG A 118 -19.45 -0.36 -9.30
CA ARG A 118 -19.93 0.84 -10.00
C ARG A 118 -19.35 0.95 -11.41
N ARG A 119 -18.09 0.57 -11.53
CA ARG A 119 -17.43 0.64 -12.80
C ARG A 119 -18.09 -0.38 -13.75
N VAL A 120 -18.49 -1.54 -13.21
CA VAL A 120 -19.10 -2.58 -14.02
C VAL A 120 -20.43 -2.08 -14.57
N LEU A 121 -21.21 -1.41 -13.71
CA LEU A 121 -22.50 -0.89 -14.14
C LEU A 121 -22.38 0.15 -15.25
N VAL A 122 -21.45 1.08 -15.06
CA VAL A 122 -21.22 2.14 -16.04
C VAL A 122 -20.81 1.51 -17.36
N GLU A 123 -20.09 0.40 -17.31
CA GLU A 123 -19.63 -0.25 -18.52
C GLU A 123 -20.86 -0.88 -19.17
N TRP A 124 -21.68 -1.55 -18.36
CA TRP A 124 -22.88 -2.25 -18.84
C TRP A 124 -23.79 -1.25 -19.53
N LEU A 125 -23.94 -0.09 -18.90
CA LEU A 125 -24.76 0.99 -19.42
C LEU A 125 -24.09 1.90 -20.46
N LYS A 126 -22.76 1.90 -20.51
CA LYS A 126 -22.00 2.73 -21.45
C LYS A 126 -22.44 4.17 -21.17
N ASP A 127 -22.67 4.48 -19.89
CA ASP A 127 -23.12 5.81 -19.46
C ASP A 127 -22.21 6.45 -18.38
N PRO A 128 -21.32 7.38 -18.79
CA PRO A 128 -20.40 8.03 -17.84
C PRO A 128 -20.96 9.37 -17.40
N SER A 129 -22.21 9.64 -17.73
CA SER A 129 -22.85 10.92 -17.44
C SER A 129 -23.02 11.37 -16.00
N GLN A 130 -22.95 10.47 -15.05
CA GLN A 130 -23.15 10.86 -13.66
C GLN A 130 -21.81 10.84 -12.90
N GLU A 131 -20.81 10.18 -13.48
CA GLU A 131 -19.51 10.00 -12.86
C GLU A 131 -18.72 11.19 -12.31
N LEU A 132 -18.35 12.15 -13.13
CA LEU A 132 -17.51 13.25 -12.63
C LEU A 132 -18.20 14.01 -11.49
N GLU A 133 -19.53 14.04 -11.51
CA GLU A 133 -20.30 14.76 -10.48
C GLU A 133 -20.37 13.94 -9.19
N PHE A 134 -20.44 12.62 -9.33
CA PHE A 134 -20.51 11.79 -8.15
C PHE A 134 -19.13 11.80 -7.49
N ILE A 135 -18.10 11.56 -8.29
CA ILE A 135 -16.73 11.51 -7.80
C ILE A 135 -16.43 12.81 -7.06
N ALA A 136 -16.69 13.93 -7.72
CA ALA A 136 -16.44 15.23 -7.11
C ALA A 136 -17.13 15.37 -5.77
N ASP A 137 -18.22 14.64 -5.58
CA ASP A 137 -18.91 14.75 -4.30
C ASP A 137 -18.15 13.94 -3.25
N ILE A 138 -17.57 12.82 -3.68
CA ILE A 138 -16.82 12.01 -2.77
C ILE A 138 -15.52 12.78 -2.45
N LEU A 139 -14.88 13.33 -3.48
CA LEU A 139 -13.63 14.07 -3.30
C LEU A 139 -13.91 15.35 -2.52
N ASN A 140 -15.17 15.61 -2.24
CA ASN A 140 -15.53 16.82 -1.52
C ASN A 140 -15.50 16.47 -0.05
N GLN A 141 -15.67 15.18 0.22
CA GLN A 141 -15.67 14.69 1.59
C GLN A 141 -14.25 14.27 1.97
N ASP A 142 -13.47 13.87 0.95
CA ASP A 142 -12.09 13.43 1.15
C ASP A 142 -11.33 13.66 -0.16
N ALA A 143 -10.72 14.85 -0.26
CA ALA A 143 -9.99 15.25 -1.45
C ALA A 143 -8.87 14.34 -1.91
N LYS A 144 -8.63 13.25 -1.20
CA LYS A 144 -7.56 12.35 -1.58
C LYS A 144 -7.95 10.89 -1.61
N ASN A 145 -9.25 10.59 -1.71
CA ASN A 145 -9.64 9.19 -1.76
C ASN A 145 -8.96 8.62 -3.01
N TYR A 146 -8.11 7.62 -2.81
CA TYR A 146 -7.37 7.00 -3.92
C TYR A 146 -8.32 6.34 -4.92
N HIS A 147 -9.33 5.66 -4.39
CA HIS A 147 -10.30 4.97 -5.22
C HIS A 147 -11.07 5.95 -6.10
N ALA A 148 -11.43 7.08 -5.51
CA ALA A 148 -12.16 8.13 -6.22
C ALA A 148 -11.36 8.72 -7.38
N TRP A 149 -10.09 8.99 -7.16
CA TRP A 149 -9.24 9.54 -8.19
C TRP A 149 -8.99 8.54 -9.29
N GLN A 150 -8.80 7.28 -8.89
CA GLN A 150 -8.54 6.18 -9.81
C GLN A 150 -9.74 5.92 -10.70
N HIS A 151 -10.91 5.94 -10.06
CA HIS A 151 -12.14 5.72 -10.81
C HIS A 151 -12.30 6.87 -11.77
N ARG A 152 -12.02 8.07 -11.27
CA ARG A 152 -12.10 9.28 -12.09
C ARG A 152 -11.24 9.22 -13.36
N GLN A 153 -9.99 8.82 -13.22
CA GLN A 153 -9.09 8.71 -14.36
C GLN A 153 -9.62 7.70 -15.38
N TRP A 154 -10.35 6.70 -14.89
CA TRP A 154 -10.88 5.69 -15.78
C TRP A 154 -12.01 6.29 -16.61
N VAL A 155 -12.91 6.99 -15.93
CA VAL A 155 -14.04 7.61 -16.64
C VAL A 155 -13.59 8.61 -17.72
N ILE A 156 -12.58 9.40 -17.38
CA ILE A 156 -12.01 10.39 -18.28
C ILE A 156 -11.29 9.71 -19.44
N GLN A 157 -10.45 8.74 -19.13
CA GLN A 157 -9.71 8.05 -20.15
C GLN A 157 -10.67 7.36 -21.12
N GLU A 158 -11.40 6.37 -20.62
CA GLU A 158 -12.34 5.57 -21.41
C GLU A 158 -13.35 6.34 -22.23
N PHE A 159 -14.00 7.29 -21.59
CA PHE A 159 -15.03 8.07 -22.25
C PHE A 159 -14.51 9.37 -22.84
N ARG A 160 -13.19 9.51 -22.81
CA ARG A 160 -12.55 10.69 -23.37
C ARG A 160 -13.21 11.99 -22.90
N LEU A 161 -13.36 12.15 -21.57
CA LEU A 161 -13.99 13.35 -20.99
C LEU A 161 -12.96 14.34 -20.40
N TRP A 162 -11.96 14.71 -21.20
CA TRP A 162 -10.87 15.57 -20.79
C TRP A 162 -11.08 17.08 -20.72
N ASP A 163 -11.99 17.63 -21.50
CA ASP A 163 -12.16 19.09 -21.59
C ASP A 163 -12.19 19.98 -20.35
N ASN A 164 -12.94 19.60 -19.32
CA ASN A 164 -13.01 20.48 -18.16
C ASN A 164 -12.27 20.01 -16.91
N GLU A 165 -11.43 18.98 -17.02
CA GLU A 165 -10.74 18.46 -15.86
C GLU A 165 -9.59 19.34 -15.36
N LEU A 166 -8.93 20.09 -16.25
CA LEU A 166 -7.83 20.90 -15.79
C LEU A 166 -8.39 22.05 -14.98
N GLN A 167 -9.61 22.46 -15.33
CA GLN A 167 -10.28 23.56 -14.63
C GLN A 167 -10.63 23.08 -13.22
N TYR A 168 -10.92 21.79 -13.12
CA TYR A 168 -11.28 21.14 -11.86
C TYR A 168 -10.06 21.05 -10.94
N VAL A 169 -8.96 20.61 -11.54
CA VAL A 169 -7.69 20.45 -10.86
C VAL A 169 -7.29 21.79 -10.27
N ASP A 170 -7.44 22.84 -11.06
CA ASP A 170 -7.07 24.18 -10.62
C ASP A 170 -7.93 24.57 -9.44
N GLN A 171 -9.20 24.17 -9.48
CA GLN A 171 -10.14 24.48 -8.40
C GLN A 171 -9.65 23.85 -7.10
N LEU A 172 -9.43 22.54 -7.16
CA LEU A 172 -8.96 21.81 -5.99
C LEU A 172 -7.56 22.28 -5.54
N LEU A 173 -6.71 22.72 -6.46
CA LEU A 173 -5.38 23.16 -6.07
C LEU A 173 -5.54 24.50 -5.34
N LYS A 174 -6.68 25.17 -5.55
CA LYS A 174 -6.91 26.44 -4.89
C LYS A 174 -7.34 26.12 -3.47
N GLU A 175 -8.05 25.01 -3.30
CA GLU A 175 -8.53 24.60 -1.99
C GLU A 175 -7.41 24.06 -1.09
N ASP A 176 -6.48 23.29 -1.66
CA ASP A 176 -5.36 22.73 -0.89
C ASP A 176 -4.20 22.52 -1.85
N VAL A 177 -3.33 23.52 -1.94
CA VAL A 177 -2.20 23.43 -2.85
C VAL A 177 -1.25 22.30 -2.49
N ARG A 178 -1.47 21.71 -1.32
CA ARG A 178 -0.62 20.61 -0.89
C ARG A 178 -1.28 19.28 -1.25
N ASN A 179 -2.35 19.31 -2.05
CA ASN A 179 -3.04 18.07 -2.41
C ASN A 179 -2.36 17.31 -3.56
N ASN A 180 -1.40 16.44 -3.19
CA ASN A 180 -0.65 15.65 -4.15
C ASN A 180 -1.49 14.89 -5.18
N SER A 181 -2.73 14.54 -4.82
CA SER A 181 -3.60 13.81 -5.73
C SER A 181 -3.99 14.69 -6.92
N VAL A 182 -4.10 15.99 -6.64
CA VAL A 182 -4.43 16.98 -7.63
C VAL A 182 -3.21 17.32 -8.49
N TRP A 183 -2.03 17.39 -7.87
CA TRP A 183 -0.84 17.68 -8.64
C TRP A 183 -0.66 16.54 -9.61
N ASN A 184 -0.92 15.32 -9.13
CA ASN A 184 -0.79 14.16 -9.98
C ASN A 184 -1.83 14.22 -11.10
N GLN A 185 -3.05 14.63 -10.75
CA GLN A 185 -4.13 14.72 -11.73
C GLN A 185 -3.87 15.72 -12.84
N ARG A 186 -3.19 16.79 -12.46
CA ARG A 186 -2.82 17.86 -13.37
C ARG A 186 -1.81 17.30 -14.39
N HIS A 187 -0.98 16.37 -13.94
CA HIS A 187 0.01 15.79 -14.79
C HIS A 187 -0.67 14.81 -15.71
N PHE A 188 -1.59 14.06 -15.13
CA PHE A 188 -2.35 13.04 -15.86
C PHE A 188 -3.05 13.72 -17.01
N VAL A 189 -3.73 14.79 -16.69
CA VAL A 189 -4.47 15.57 -17.67
C VAL A 189 -3.62 16.23 -18.77
N ILE A 190 -2.68 17.07 -18.38
CA ILE A 190 -1.86 17.73 -19.36
C ILE A 190 -1.10 16.73 -20.24
N SER A 191 -0.43 15.78 -19.61
CA SER A 191 0.32 14.81 -20.37
C SER A 191 -0.52 13.93 -21.32
N ASN A 192 -1.84 13.91 -21.13
CA ASN A 192 -2.69 13.11 -22.00
C ASN A 192 -3.47 13.95 -22.99
N THR A 193 -3.42 15.26 -22.81
CA THR A 193 -4.11 16.15 -23.72
C THR A 193 -3.10 16.89 -24.61
N THR A 194 -2.31 17.80 -24.05
CA THR A 194 -1.34 18.56 -24.85
C THR A 194 0.09 18.10 -24.75
N GLY A 195 0.46 17.61 -23.57
CA GLY A 195 1.82 17.18 -23.36
C GLY A 195 2.60 18.38 -22.86
N TYR A 196 3.84 18.15 -22.43
CA TYR A 196 4.69 19.22 -21.91
C TYR A 196 5.74 19.60 -22.90
N SER A 197 5.64 19.08 -24.12
CA SER A 197 6.63 19.43 -25.14
C SER A 197 6.35 20.83 -25.64
N ASP A 198 5.08 21.23 -25.66
CA ASP A 198 4.72 22.56 -26.15
C ASP A 198 5.33 23.63 -25.25
N ARG A 199 6.28 24.38 -25.80
CA ARG A 199 7.01 25.47 -25.12
C ARG A 199 6.15 26.38 -24.29
N ALA A 200 5.00 26.74 -24.84
CA ALA A 200 4.09 27.66 -24.15
C ALA A 200 3.51 26.97 -22.94
N VAL A 201 3.14 25.71 -23.13
CA VAL A 201 2.58 24.91 -22.06
C VAL A 201 3.65 24.68 -21.00
N LEU A 202 4.82 24.20 -21.40
CA LEU A 202 5.92 23.96 -20.48
C LEU A 202 6.14 25.24 -19.65
N GLU A 203 6.31 26.39 -20.33
CA GLU A 203 6.52 27.67 -19.67
C GLU A 203 5.38 28.01 -18.68
N ARG A 204 4.15 27.91 -19.16
CA ARG A 204 2.99 28.20 -18.33
C ARG A 204 3.06 27.37 -17.05
N GLU A 205 3.40 26.10 -17.21
CA GLU A 205 3.48 25.16 -16.09
C GLU A 205 4.58 25.53 -15.09
N VAL A 206 5.81 25.64 -15.58
CA VAL A 206 6.94 25.97 -14.71
C VAL A 206 6.69 27.30 -13.98
N GLN A 207 6.07 28.24 -14.68
CA GLN A 207 5.76 29.54 -14.12
C GLN A 207 4.82 29.38 -12.95
N TYR A 208 3.70 28.74 -13.23
CA TYR A 208 2.67 28.48 -12.25
C TYR A 208 3.23 27.73 -11.04
N THR A 209 4.08 26.75 -11.30
CA THR A 209 4.67 25.95 -10.26
C THR A 209 5.71 26.74 -9.51
N LEU A 210 6.48 27.59 -10.19
CA LEU A 210 7.49 28.38 -9.48
C LEU A 210 6.71 29.33 -8.57
N GLU A 211 5.49 29.68 -8.98
CA GLU A 211 4.61 30.53 -8.18
C GLU A 211 4.21 29.83 -6.88
N MET A 212 3.58 28.67 -7.00
CA MET A 212 3.16 27.89 -5.84
C MET A 212 4.34 27.59 -4.90
N ILE A 213 5.55 27.60 -5.44
CA ILE A 213 6.73 27.30 -4.64
C ILE A 213 7.04 28.61 -3.93
N LYS A 214 7.10 29.70 -4.70
CA LYS A 214 7.40 30.99 -4.11
C LYS A 214 6.08 31.52 -3.55
N LEU A 215 5.45 30.69 -2.71
CA LEU A 215 4.16 31.02 -2.07
C LEU A 215 4.05 30.12 -0.84
N VAL A 216 4.38 28.84 -1.02
CA VAL A 216 4.37 27.85 0.06
C VAL A 216 5.65 27.03 -0.14
N PRO A 217 6.82 27.69 -0.06
CA PRO A 217 8.15 27.08 -0.24
C PRO A 217 8.43 25.72 0.36
N HIS A 218 7.71 25.38 1.41
CA HIS A 218 7.91 24.09 2.06
C HIS A 218 6.93 23.00 1.66
N ASN A 219 6.08 23.32 0.67
CA ASN A 219 5.09 22.38 0.13
C ASN A 219 5.87 21.52 -0.89
N GLU A 220 6.03 20.26 -0.56
CA GLU A 220 6.79 19.35 -1.39
C GLU A 220 6.25 19.01 -2.76
N SER A 221 4.92 18.92 -2.86
CA SER A 221 4.28 18.53 -4.13
C SER A 221 4.68 19.42 -5.32
N ALA A 222 4.60 20.72 -5.13
CA ALA A 222 4.95 21.67 -6.18
C ALA A 222 6.38 21.46 -6.66
N TRP A 223 7.24 21.10 -5.71
CA TRP A 223 8.65 20.81 -6.00
C TRP A 223 8.83 19.55 -6.82
N ASN A 224 8.14 18.49 -6.43
CA ASN A 224 8.22 17.21 -7.12
C ASN A 224 7.53 17.32 -8.48
N TYR A 225 6.63 18.29 -8.62
CA TYR A 225 5.94 18.50 -9.90
C TYR A 225 6.91 19.20 -10.86
N LEU A 226 7.42 20.35 -10.42
CA LEU A 226 8.36 21.13 -11.21
C LEU A 226 9.55 20.32 -11.68
N LYS A 227 10.01 19.47 -10.76
CA LYS A 227 11.14 18.60 -11.06
C LYS A 227 10.69 17.56 -12.07
N GLY A 228 9.48 17.03 -11.85
CA GLY A 228 8.89 16.02 -12.71
C GLY A 228 8.67 16.46 -14.14
N ILE A 229 8.18 17.67 -14.35
CA ILE A 229 7.94 18.16 -15.69
C ILE A 229 9.19 18.59 -16.47
N LEU A 230 10.27 18.90 -15.76
CA LEU A 230 11.51 19.33 -16.41
C LEU A 230 12.57 18.23 -16.50
N GLN A 231 12.70 17.47 -15.41
CA GLN A 231 13.68 16.38 -15.34
C GLN A 231 13.55 15.43 -16.50
N ASP A 232 12.47 15.55 -17.26
CA ASP A 232 12.31 14.69 -18.40
C ASP A 232 12.64 15.49 -19.65
N ARG A 233 13.91 15.90 -19.72
CA ARG A 233 14.45 16.66 -20.83
C ARG A 233 15.81 17.23 -20.39
N GLY A 234 16.06 17.19 -19.09
CA GLY A 234 17.31 17.71 -18.58
C GLY A 234 17.13 19.05 -17.92
N LEU A 235 17.37 19.11 -16.62
CA LEU A 235 17.26 20.35 -15.89
C LEU A 235 18.34 21.29 -16.43
N SER A 236 19.47 20.73 -16.83
CA SER A 236 20.56 21.52 -17.33
C SER A 236 20.33 22.14 -18.71
N ARG A 237 19.20 21.81 -19.34
CA ARG A 237 18.93 22.35 -20.66
C ARG A 237 18.18 23.66 -20.44
N TYR A 238 18.08 24.01 -19.16
CA TYR A 238 17.40 25.22 -18.69
C TYR A 238 18.36 26.05 -17.86
N PRO A 239 19.15 26.91 -18.50
CA PRO A 239 20.14 27.78 -17.87
C PRO A 239 19.59 28.69 -16.79
N ASN A 240 18.52 29.39 -17.11
CA ASN A 240 17.88 30.32 -16.19
C ASN A 240 17.49 29.62 -14.90
N LEU A 241 17.14 28.35 -15.02
CA LEU A 241 16.73 27.57 -13.86
C LEU A 241 17.61 27.78 -12.61
N LEU A 242 18.83 27.27 -12.65
CA LEU A 242 19.76 27.40 -11.52
C LEU A 242 19.72 28.80 -10.88
N ASN A 243 19.59 29.83 -11.71
CA ASN A 243 19.57 31.18 -11.19
C ASN A 243 18.34 31.46 -10.37
N GLN A 244 17.17 31.50 -11.01
CA GLN A 244 15.93 31.80 -10.31
C GLN A 244 15.84 31.03 -9.01
N LEU A 245 16.22 29.75 -9.03
CA LEU A 245 16.17 28.92 -7.82
C LEU A 245 17.20 29.42 -6.80
N LEU A 246 18.36 29.84 -7.30
CA LEU A 246 19.41 30.33 -6.44
C LEU A 246 18.96 31.63 -5.80
N ASP A 247 18.05 32.33 -6.48
CA ASP A 247 17.53 33.61 -5.99
C ASP A 247 16.66 33.32 -4.75
N LEU A 248 15.96 32.19 -4.74
CA LEU A 248 15.09 31.83 -3.62
C LEU A 248 15.84 31.34 -2.36
N GLN A 249 17.17 31.24 -2.46
CA GLN A 249 18.00 30.73 -1.36
C GLN A 249 17.69 31.35 0.03
N PRO A 250 17.56 32.69 0.10
CA PRO A 250 17.25 33.32 1.39
C PRO A 250 15.76 33.74 1.53
N SER A 251 15.04 33.85 0.41
CA SER A 251 13.64 34.26 0.41
C SER A 251 12.60 33.13 0.43
N HIS A 252 12.99 31.95 -0.04
CA HIS A 252 12.05 30.82 -0.09
C HIS A 252 12.75 29.47 0.06
N SER A 253 13.70 29.40 0.99
CA SER A 253 14.48 28.19 1.21
C SER A 253 13.95 27.09 2.11
N SER A 254 14.21 25.87 1.65
CA SER A 254 13.82 24.64 2.32
C SER A 254 14.82 23.62 1.79
N PRO A 255 14.90 22.43 2.42
CA PRO A 255 15.84 21.44 1.90
C PRO A 255 15.45 20.96 0.50
N TYR A 256 14.36 21.53 -0.02
CA TYR A 256 13.86 21.21 -1.37
C TYR A 256 14.60 22.04 -2.40
N LEU A 257 14.94 23.27 -2.02
CA LEU A 257 15.67 24.16 -2.92
C LEU A 257 17.03 23.52 -3.09
N ILE A 258 17.64 23.17 -1.96
CA ILE A 258 18.95 22.54 -1.91
C ILE A 258 18.97 21.21 -2.66
N ALA A 259 17.92 20.44 -2.47
CA ALA A 259 17.85 19.15 -3.14
C ALA A 259 17.64 19.32 -4.63
N PHE A 260 16.92 20.36 -5.03
CA PHE A 260 16.71 20.61 -6.46
C PHE A 260 18.02 21.04 -7.09
N LEU A 261 18.73 21.91 -6.41
CA LEU A 261 20.01 22.39 -6.91
C LEU A 261 20.93 21.16 -7.03
N VAL A 262 20.94 20.29 -6.03
CA VAL A 262 21.79 19.11 -6.11
C VAL A 262 21.39 18.30 -7.35
N ASP A 263 20.13 18.42 -7.77
CA ASP A 263 19.64 17.71 -8.94
C ASP A 263 20.05 18.39 -10.26
N ILE A 264 20.11 19.71 -10.25
CA ILE A 264 20.52 20.42 -11.45
C ILE A 264 21.97 20.06 -11.61
N TYR A 265 22.77 20.39 -10.61
CA TYR A 265 24.20 20.12 -10.64
C TYR A 265 24.51 18.72 -11.20
N GLU A 266 23.74 17.73 -10.74
CA GLU A 266 23.92 16.34 -11.20
C GLU A 266 23.85 16.26 -12.73
N ASP A 267 22.89 16.97 -13.30
CA ASP A 267 22.69 17.00 -14.73
C ASP A 267 23.65 17.91 -15.50
N MET A 268 24.23 18.90 -14.83
CA MET A 268 25.17 19.78 -15.51
C MET A 268 26.48 19.03 -15.51
N LEU A 269 26.48 17.90 -14.80
CA LEU A 269 27.67 17.06 -14.72
C LEU A 269 27.53 15.91 -15.70
N GLU A 270 26.34 15.30 -15.74
CA GLU A 270 26.08 14.22 -16.70
C GLU A 270 26.39 14.74 -18.11
N ASN A 271 26.00 15.99 -18.34
CA ASN A 271 26.19 16.65 -19.63
C ASN A 271 27.53 17.37 -19.79
N GLN A 272 28.36 17.32 -18.74
CA GLN A 272 29.70 17.96 -18.77
C GLN A 272 29.64 19.48 -18.96
N CYS A 273 30.21 20.22 -18.01
CA CYS A 273 30.21 21.66 -18.09
C CYS A 273 31.48 22.27 -17.51
N ASP A 274 31.92 23.40 -18.08
CA ASP A 274 33.11 24.08 -17.58
C ASP A 274 32.83 24.43 -16.12
N ASN A 275 33.88 24.48 -15.31
CA ASN A 275 33.76 24.77 -13.91
C ASN A 275 33.21 23.54 -13.22
N LYS A 276 33.08 22.45 -13.97
CA LYS A 276 32.54 21.22 -13.40
C LYS A 276 33.17 20.85 -12.06
N GLU A 277 34.44 21.16 -11.89
CA GLU A 277 35.12 20.82 -10.65
C GLU A 277 34.49 21.58 -9.50
N ASP A 278 34.26 22.89 -9.70
CA ASP A 278 33.64 23.71 -8.65
C ASP A 278 32.18 23.23 -8.47
N ILE A 279 31.52 22.99 -9.59
CA ILE A 279 30.13 22.52 -9.56
C ILE A 279 30.04 21.29 -8.64
N LEU A 280 30.92 20.33 -8.87
CA LEU A 280 30.95 19.14 -8.03
C LEU A 280 31.24 19.47 -6.54
N ASN A 281 32.03 20.50 -6.28
CA ASN A 281 32.34 20.87 -4.92
C ASN A 281 31.09 21.46 -4.29
N LYS A 282 30.46 22.39 -5.00
CA LYS A 282 29.25 23.04 -4.51
C LYS A 282 28.16 21.99 -4.20
N ALA A 283 27.97 21.08 -5.14
CA ALA A 283 26.98 20.01 -5.03
C ALA A 283 27.25 19.07 -3.86
N LEU A 284 28.50 18.74 -3.60
CA LEU A 284 28.85 17.82 -2.52
C LEU A 284 28.73 18.49 -1.15
N GLU A 285 28.90 19.80 -1.13
CA GLU A 285 28.80 20.59 0.08
C GLU A 285 27.30 20.61 0.43
N LEU A 286 26.47 20.78 -0.59
CA LEU A 286 25.04 20.80 -0.39
C LEU A 286 24.64 19.41 0.11
N CYS A 287 25.26 18.37 -0.41
CA CYS A 287 24.93 17.00 0.00
C CYS A 287 25.28 16.80 1.49
N GLU A 288 26.32 17.48 1.96
CA GLU A 288 26.74 17.35 3.35
C GLU A 288 25.87 18.19 4.26
N ILE A 289 25.41 19.33 3.77
CA ILE A 289 24.53 20.19 4.55
C ILE A 289 23.21 19.46 4.75
N LEU A 290 22.64 18.95 3.67
CA LEU A 290 21.40 18.22 3.73
C LEU A 290 21.62 17.00 4.65
N ALA A 291 22.71 16.28 4.42
CA ALA A 291 23.03 15.10 5.21
C ALA A 291 23.35 15.33 6.69
N LYS A 292 24.07 16.42 6.99
CA LYS A 292 24.48 16.75 8.36
C LYS A 292 23.61 17.75 9.11
N GLU A 293 23.11 18.75 8.40
CA GLU A 293 22.30 19.80 9.02
C GLU A 293 20.88 19.96 8.48
N LYS A 294 20.76 20.27 7.19
CA LYS A 294 19.49 20.55 6.51
C LYS A 294 18.39 19.47 6.39
N ASP A 295 18.76 18.19 6.32
CA ASP A 295 17.74 17.14 6.15
C ASP A 295 18.30 15.79 6.53
N THR A 296 18.65 15.65 7.80
CA THR A 296 19.25 14.43 8.33
C THR A 296 18.42 13.13 8.43
N ILE A 297 17.11 13.20 8.22
CA ILE A 297 16.35 11.97 8.34
C ILE A 297 16.86 11.03 7.24
N ARG A 298 17.25 11.60 6.10
CA ARG A 298 17.81 10.80 5.02
C ARG A 298 19.27 11.18 4.84
N LYS A 299 20.08 10.86 5.85
CA LYS A 299 21.51 11.12 5.84
C LYS A 299 22.19 9.96 5.09
N GLU A 300 21.52 8.81 5.09
CA GLU A 300 22.03 7.62 4.41
C GLU A 300 21.92 7.82 2.91
N TYR A 301 20.86 8.49 2.49
CA TYR A 301 20.63 8.74 1.07
C TYR A 301 21.54 9.87 0.58
N TRP A 302 21.55 10.98 1.32
CA TRP A 302 22.33 12.16 1.01
C TRP A 302 23.84 12.00 0.95
N ARG A 303 24.37 11.08 1.73
CA ARG A 303 25.81 10.84 1.70
C ARG A 303 26.06 9.87 0.57
N TYR A 304 25.07 9.03 0.27
CA TYR A 304 25.17 8.09 -0.84
C TYR A 304 25.18 8.87 -2.18
N ILE A 305 24.52 10.03 -2.22
CA ILE A 305 24.47 10.85 -3.44
C ILE A 305 25.80 11.58 -3.50
N GLY A 306 26.46 11.69 -2.35
CA GLY A 306 27.74 12.35 -2.30
C GLY A 306 28.77 11.42 -2.90
N ARG A 307 28.69 10.15 -2.52
CA ARG A 307 29.58 9.10 -2.99
C ARG A 307 29.35 8.72 -4.45
N SER A 308 28.12 8.81 -4.93
CA SER A 308 27.85 8.46 -6.32
C SER A 308 28.36 9.63 -7.17
N LEU A 309 28.20 10.83 -6.61
CA LEU A 309 28.63 12.06 -7.28
C LEU A 309 30.14 12.04 -7.43
N GLN A 310 30.79 11.09 -6.76
CA GLN A 310 32.24 10.95 -6.80
C GLN A 310 32.56 10.14 -8.04
N SER A 311 32.07 8.90 -8.07
CA SER A 311 32.31 8.06 -9.21
C SER A 311 31.75 8.74 -10.44
N LYS A 312 30.38 9.05 -10.49
CA LYS A 312 29.93 9.70 -11.68
C LYS A 312 29.56 11.26 -11.74
N LEU B 2 18.33 9.43 22.39
CA LEU B 2 17.46 9.01 21.28
C LEU B 2 17.43 10.11 20.25
N TYR B 3 17.58 9.73 18.98
CA TYR B 3 17.56 10.67 17.88
C TYR B 3 16.37 11.62 18.01
N SER B 4 15.22 11.02 18.31
CA SER B 4 13.95 11.75 18.46
C SER B 4 13.83 12.67 19.66
N LEU B 5 14.28 12.22 20.83
CA LEU B 5 14.15 13.04 22.03
C LEU B 5 15.19 14.16 22.12
N ARG B 6 16.06 14.26 21.12
CA ARG B 6 17.07 15.30 21.09
C ARG B 6 16.42 16.67 20.87
N PRO B 7 17.10 17.75 21.29
CA PRO B 7 16.63 19.13 21.17
C PRO B 7 16.71 19.76 19.77
N GLU B 8 17.60 19.29 18.90
CA GLU B 8 17.69 19.87 17.58
C GLU B 8 16.61 19.26 16.67
N HIS B 9 16.14 18.06 17.05
CA HIS B 9 15.13 17.33 16.28
C HIS B 9 13.83 18.12 16.25
N ALA B 10 13.70 19.03 17.19
CA ALA B 10 12.51 19.86 17.30
C ALA B 10 12.43 20.88 16.20
N ARG B 11 13.50 20.98 15.41
CA ARG B 11 13.53 21.91 14.29
C ARG B 11 12.97 21.18 13.08
N GLU B 12 12.76 19.87 13.21
CA GLU B 12 12.21 19.10 12.12
C GLU B 12 10.69 19.26 12.07
N ARG B 13 10.17 20.12 12.94
CA ARG B 13 8.75 20.43 13.02
C ARG B 13 8.28 21.08 11.71
N LEU B 14 6.98 20.99 11.43
CA LEU B 14 6.38 21.51 10.18
C LEU B 14 6.44 23.00 9.91
N GLN B 15 6.96 23.36 8.75
CA GLN B 15 7.03 24.73 8.27
C GLN B 15 5.76 24.94 7.46
N ASP B 16 4.79 25.59 8.09
CA ASP B 16 3.50 25.89 7.50
C ASP B 16 3.49 26.93 6.37
N ASP B 17 4.51 27.80 6.36
CA ASP B 17 4.66 28.87 5.37
C ASP B 17 3.58 29.92 5.62
N SER B 18 2.86 29.73 6.74
CA SER B 18 1.76 30.60 7.14
C SER B 18 0.60 30.45 6.18
N VAL B 19 0.76 29.55 5.22
CA VAL B 19 -0.26 29.26 4.25
C VAL B 19 -0.80 27.91 4.69
N GLU B 20 -1.73 27.92 5.62
CA GLU B 20 -2.30 26.70 6.15
C GLU B 20 -3.46 26.12 5.32
N THR B 21 -3.37 24.83 4.99
CA THR B 21 -4.40 24.13 4.23
C THR B 21 -4.80 22.94 5.04
N VAL B 22 -5.86 22.27 4.61
CA VAL B 22 -6.32 21.07 5.28
C VAL B 22 -5.17 20.09 5.55
N THR B 23 -4.13 20.11 4.72
CA THR B 23 -3.00 19.20 4.91
C THR B 23 -2.08 19.64 6.04
N SER B 24 -1.79 20.93 6.13
CA SER B 24 -0.90 21.47 7.16
C SER B 24 -1.49 21.14 8.49
N ILE B 25 -2.74 21.56 8.63
CA ILE B 25 -3.54 21.36 9.81
C ILE B 25 -3.43 19.93 10.35
N GLU B 26 -3.78 18.95 9.52
CA GLU B 26 -3.73 17.57 9.94
C GLU B 26 -2.32 17.11 10.31
N GLN B 27 -1.33 17.49 9.52
CA GLN B 27 0.04 17.09 9.78
C GLN B 27 0.44 17.66 11.14
N ALA B 28 0.17 18.93 11.32
CA ALA B 28 0.51 19.61 12.56
C ALA B 28 -0.16 18.94 13.74
N LYS B 29 -1.31 18.34 13.51
CA LYS B 29 -2.04 17.69 14.60
C LYS B 29 -1.32 16.43 15.02
N VAL B 30 -0.88 15.63 14.05
CA VAL B 30 -0.18 14.40 14.38
C VAL B 30 1.11 14.78 15.07
N GLU B 31 1.81 15.77 14.54
CA GLU B 31 3.07 16.19 15.15
C GLU B 31 2.94 16.51 16.64
N GLU B 32 1.88 17.20 17.04
CA GLU B 32 1.70 17.52 18.46
C GLU B 32 1.46 16.25 19.29
N LYS B 33 0.60 15.36 18.82
CA LYS B 33 0.31 14.13 19.55
C LYS B 33 1.58 13.29 19.68
N ILE B 34 2.45 13.39 18.67
CA ILE B 34 3.70 12.65 18.68
C ILE B 34 4.70 13.34 19.59
N GLN B 35 4.76 14.66 19.54
CA GLN B 35 5.67 15.40 20.39
C GLN B 35 5.40 14.93 21.80
N GLU B 36 4.13 14.96 22.24
CA GLU B 36 3.74 14.49 23.56
C GLU B 36 4.45 13.18 23.91
N VAL B 37 4.23 12.17 23.08
CA VAL B 37 4.86 10.87 23.30
C VAL B 37 6.35 11.03 23.49
N PHE B 38 6.97 11.81 22.63
CA PHE B 38 8.39 12.02 22.72
C PHE B 38 8.70 12.58 24.10
N SER B 39 8.16 13.75 24.42
CA SER B 39 8.39 14.36 25.73
C SER B 39 7.82 13.56 26.90
N SER B 40 7.20 12.43 26.61
CA SER B 40 6.60 11.61 27.64
C SER B 40 7.54 11.50 28.85
N TYR B 41 8.81 11.22 28.56
CA TYR B 41 9.87 11.06 29.57
C TYR B 41 10.19 12.27 30.42
N LYS B 42 10.54 13.37 29.76
CA LYS B 42 10.87 14.61 30.42
C LYS B 42 9.86 14.96 31.52
N PHE B 43 8.59 15.04 31.14
CA PHE B 43 7.54 15.40 32.08
C PHE B 43 7.45 14.46 33.29
N ASN B 44 7.69 13.16 33.09
CA ASN B 44 7.57 12.21 34.19
C ASN B 44 8.81 11.87 35.06
N HIS B 45 9.98 12.30 34.61
CA HIS B 45 11.21 12.07 35.37
C HIS B 45 11.70 10.66 35.55
N LEU B 46 11.72 9.95 34.44
CA LEU B 46 12.20 8.59 34.40
C LEU B 46 13.19 8.60 33.27
N VAL B 47 14.00 7.57 33.17
CA VAL B 47 14.98 7.48 32.09
C VAL B 47 14.26 6.73 30.96
N PRO B 48 14.42 7.18 29.71
CA PRO B 48 13.74 6.50 28.62
C PRO B 48 14.20 5.05 28.40
N ARG B 49 13.25 4.13 28.32
CA ARG B 49 13.59 2.74 28.08
C ARG B 49 12.67 2.10 27.06
N LEU B 50 13.08 2.16 25.79
CA LEU B 50 12.34 1.60 24.67
C LEU B 50 12.31 0.08 24.82
N VAL B 51 11.13 -0.49 24.93
CA VAL B 51 10.97 -1.94 25.10
C VAL B 51 9.80 -2.43 24.26
N LEU B 52 9.95 -3.61 23.68
CA LEU B 52 8.89 -4.21 22.89
C LEU B 52 8.04 -5.13 23.75
N GLN B 53 6.84 -4.69 24.13
CA GLN B 53 5.94 -5.45 24.97
C GLN B 53 5.61 -6.79 24.32
N ARG B 54 6.65 -7.56 24.08
CA ARG B 54 6.58 -8.86 23.47
C ARG B 54 5.64 -9.88 24.11
N GLU B 55 5.54 -9.89 25.44
CA GLU B 55 4.63 -10.83 26.05
C GLU B 55 3.18 -10.35 25.84
N LYS B 56 2.94 -9.06 26.08
CA LYS B 56 1.59 -8.52 25.91
C LYS B 56 1.13 -8.74 24.45
N HIS B 57 2.07 -8.58 23.52
CA HIS B 57 1.79 -8.75 22.08
C HIS B 57 1.55 -10.21 21.76
N PHE B 58 2.30 -11.09 22.42
CA PHE B 58 2.19 -12.53 22.22
C PHE B 58 0.84 -13.04 22.69
N HIS B 59 0.35 -12.52 23.79
CA HIS B 59 -0.92 -12.97 24.34
C HIS B 59 -2.09 -12.49 23.47
N TYR B 60 -1.90 -11.36 22.81
CA TYR B 60 -2.92 -10.75 21.94
C TYR B 60 -3.04 -11.62 20.71
N LEU B 61 -1.89 -11.83 20.06
CA LEU B 61 -1.78 -12.64 18.86
C LEU B 61 -2.25 -14.07 19.10
N LYS B 62 -1.71 -14.67 20.17
CA LYS B 62 -2.05 -16.04 20.56
C LYS B 62 -3.56 -16.26 20.66
N ARG B 63 -4.30 -15.24 21.11
CA ARG B 63 -5.76 -15.30 21.29
C ARG B 63 -6.51 -15.15 19.96
N GLY B 64 -6.05 -14.19 19.15
CA GLY B 64 -6.68 -13.92 17.87
C GLY B 64 -6.51 -15.04 16.86
N LEU B 65 -5.53 -15.90 17.09
CA LEU B 65 -5.34 -17.00 16.15
C LEU B 65 -6.43 -18.02 16.40
N ARG B 66 -7.05 -17.93 17.56
CA ARG B 66 -8.08 -18.83 17.95
C ARG B 66 -9.51 -18.30 17.73
N GLN B 67 -9.76 -17.03 18.06
CA GLN B 67 -11.09 -16.45 17.86
C GLN B 67 -11.08 -14.94 18.00
N LEU B 68 -11.99 -14.30 17.25
CA LEU B 68 -12.14 -12.86 17.27
C LEU B 68 -13.58 -12.45 17.57
N THR B 69 -13.76 -11.24 18.10
CA THR B 69 -15.09 -10.73 18.44
C THR B 69 -15.81 -10.34 17.15
N ASP B 70 -17.07 -9.99 17.27
CA ASP B 70 -17.83 -9.61 16.10
C ASP B 70 -17.27 -8.33 15.50
N ALA B 71 -16.28 -7.73 16.16
CA ALA B 71 -15.70 -6.49 15.66
C ALA B 71 -14.92 -6.84 14.40
N TYR B 72 -14.66 -8.12 14.23
CA TYR B 72 -13.94 -8.62 13.07
C TYR B 72 -14.85 -9.22 12.00
N GLU B 73 -16.13 -8.85 12.05
CA GLU B 73 -17.11 -9.34 11.09
C GLU B 73 -16.73 -8.70 9.75
N CYS B 74 -16.06 -7.54 9.82
CA CYS B 74 -15.65 -6.75 8.62
C CYS B 74 -14.46 -7.34 7.84
N LEU B 75 -13.82 -8.34 8.42
CA LEU B 75 -12.68 -9.00 7.80
C LEU B 75 -13.04 -10.46 7.63
N ASP B 76 -14.34 -10.71 7.55
CA ASP B 76 -14.90 -12.05 7.40
C ASP B 76 -14.59 -12.65 6.05
N ALA B 77 -14.09 -11.83 5.13
CA ALA B 77 -13.71 -12.31 3.81
C ALA B 77 -12.17 -12.21 3.65
N SER B 78 -11.47 -12.03 4.78
CA SER B 78 -10.01 -11.91 4.81
C SER B 78 -9.43 -12.83 5.85
N ARG B 79 -9.99 -14.02 6.01
CA ARG B 79 -9.52 -14.89 7.05
C ARG B 79 -8.10 -15.43 6.83
N PRO B 80 -7.76 -15.76 5.58
CA PRO B 80 -6.39 -16.26 5.45
C PRO B 80 -5.40 -15.13 5.82
N TRP B 81 -5.86 -13.89 5.75
CA TRP B 81 -5.02 -12.76 6.10
C TRP B 81 -4.83 -12.76 7.60
N LEU B 82 -5.89 -13.04 8.36
CA LEU B 82 -5.75 -13.04 9.80
C LEU B 82 -4.73 -14.11 10.21
N CYS B 83 -4.73 -15.25 9.51
CA CYS B 83 -3.78 -16.30 9.83
C CYS B 83 -2.38 -15.76 9.55
N TYR B 84 -2.19 -15.20 8.36
CA TYR B 84 -0.88 -14.68 7.98
C TYR B 84 -0.36 -13.58 8.92
N TRP B 85 -1.17 -12.58 9.20
CA TRP B 85 -0.74 -11.50 10.07
C TRP B 85 -0.32 -12.02 11.45
N ILE B 86 -1.13 -12.88 12.04
CA ILE B 86 -0.87 -13.41 13.36
C ILE B 86 0.35 -14.33 13.33
N LEU B 87 0.30 -15.31 12.43
CA LEU B 87 1.37 -16.29 12.24
C LEU B 87 2.65 -15.71 11.74
N HIS B 88 2.68 -14.41 11.53
CA HIS B 88 3.90 -13.82 11.05
C HIS B 88 4.42 -12.93 12.14
N SER B 89 3.51 -12.41 12.96
CA SER B 89 3.91 -11.56 14.05
C SER B 89 4.57 -12.50 15.04
N LEU B 90 3.92 -13.64 15.30
CA LEU B 90 4.46 -14.66 16.21
C LEU B 90 5.83 -15.09 15.66
N GLU B 91 5.86 -15.26 14.35
CA GLU B 91 7.08 -15.64 13.66
C GLU B 91 8.22 -14.65 13.89
N LEU B 92 7.91 -13.37 13.95
CA LEU B 92 8.93 -12.37 14.18
C LEU B 92 9.25 -12.25 15.66
N LEU B 93 8.27 -12.52 16.52
CA LEU B 93 8.48 -12.43 17.96
C LEU B 93 9.15 -13.70 18.44
N ASP B 94 9.54 -14.54 17.47
CA ASP B 94 10.20 -15.81 17.74
C ASP B 94 9.33 -16.72 18.62
N GLU B 95 8.02 -16.50 18.60
CA GLU B 95 7.12 -17.30 19.42
C GLU B 95 6.80 -18.60 18.68
N PRO B 96 6.28 -19.60 19.42
CA PRO B 96 5.89 -20.96 18.97
C PRO B 96 4.59 -21.11 18.17
N ILE B 97 4.60 -22.09 17.25
CA ILE B 97 3.43 -22.42 16.43
C ILE B 97 3.12 -23.90 16.67
N PRO B 98 2.42 -24.22 17.79
CA PRO B 98 2.03 -25.58 18.18
C PRO B 98 1.71 -26.53 17.02
N GLN B 99 2.34 -27.70 17.04
CA GLN B 99 2.15 -28.71 16.00
C GLN B 99 0.68 -29.09 15.77
N ILE B 100 -0.22 -28.60 16.63
CA ILE B 100 -1.65 -28.90 16.52
C ILE B 100 -2.35 -27.69 15.93
N VAL B 101 -1.96 -26.49 16.36
CA VAL B 101 -2.58 -25.27 15.86
C VAL B 101 -2.23 -25.08 14.38
N ALA B 102 -0.97 -25.33 14.07
CA ALA B 102 -0.48 -25.22 12.70
C ALA B 102 -1.29 -26.12 11.78
N THR B 103 -1.65 -27.29 12.30
CA THR B 103 -2.44 -28.22 11.53
C THR B 103 -3.84 -27.68 11.28
N ASP B 104 -4.47 -27.17 12.34
CA ASP B 104 -5.81 -26.60 12.21
C ASP B 104 -5.74 -25.50 11.15
N VAL B 105 -4.71 -24.66 11.23
CA VAL B 105 -4.57 -23.58 10.26
C VAL B 105 -4.53 -24.22 8.88
N CYS B 106 -3.73 -25.27 8.74
CA CYS B 106 -3.59 -25.97 7.45
C CYS B 106 -4.91 -26.53 6.98
N GLN B 107 -5.67 -27.05 7.94
CA GLN B 107 -6.97 -27.68 7.69
C GLN B 107 -7.99 -26.62 7.32
N PHE B 108 -7.90 -25.46 7.95
CA PHE B 108 -8.83 -24.37 7.71
C PHE B 108 -8.59 -23.80 6.33
N LEU B 109 -7.32 -23.53 6.01
CA LEU B 109 -6.93 -22.97 4.72
C LEU B 109 -7.35 -23.90 3.57
N GLU B 110 -7.33 -25.19 3.85
CA GLU B 110 -7.72 -26.20 2.88
C GLU B 110 -9.21 -25.97 2.57
N LEU B 111 -9.97 -25.48 3.55
CA LEU B 111 -11.42 -25.21 3.43
C LEU B 111 -11.63 -23.90 2.67
N CYS B 112 -10.62 -23.03 2.72
CA CYS B 112 -10.67 -21.72 2.06
C CYS B 112 -10.32 -21.87 0.58
N GLN B 113 -9.45 -22.83 0.28
CA GLN B 113 -9.00 -23.12 -1.07
C GLN B 113 -10.14 -23.53 -2.01
N SER B 114 -10.10 -23.02 -3.23
CA SER B 114 -11.14 -23.29 -4.22
C SER B 114 -10.85 -24.45 -5.15
N PRO B 115 -11.88 -25.20 -5.58
CA PRO B 115 -11.66 -26.33 -6.49
C PRO B 115 -11.16 -25.83 -7.83
N ASP B 116 -11.25 -24.52 -8.03
CA ASP B 116 -10.77 -23.93 -9.27
C ASP B 116 -9.35 -23.38 -9.07
N GLY B 117 -8.81 -23.60 -7.87
CA GLY B 117 -7.47 -23.13 -7.53
C GLY B 117 -7.49 -21.80 -6.79
N GLY B 118 -6.47 -21.53 -5.98
CA GLY B 118 -6.44 -20.28 -5.24
C GLY B 118 -7.23 -20.38 -3.94
N PHE B 119 -7.29 -19.29 -3.20
CA PHE B 119 -7.99 -19.28 -1.91
C PHE B 119 -9.02 -18.19 -1.76
N GLY B 120 -10.07 -18.49 -1.02
CA GLY B 120 -11.12 -17.51 -0.78
C GLY B 120 -10.88 -16.84 0.55
N GLY B 121 -11.78 -15.94 0.95
CA GLY B 121 -11.62 -15.24 2.22
C GLY B 121 -12.05 -16.05 3.41
N GLY B 122 -12.68 -17.19 3.15
CA GLY B 122 -13.13 -18.06 4.21
C GLY B 122 -13.73 -19.30 3.59
N PRO B 123 -14.15 -20.30 4.38
CA PRO B 123 -14.71 -21.46 3.71
C PRO B 123 -15.84 -21.08 2.75
N GLY B 124 -15.76 -21.62 1.54
CA GLY B 124 -16.77 -21.35 0.52
C GLY B 124 -16.73 -20.06 -0.29
N GLN B 125 -15.74 -19.21 -0.10
CA GLN B 125 -15.67 -17.97 -0.84
C GLN B 125 -14.87 -18.12 -2.11
N TYR B 126 -15.26 -17.39 -3.14
CA TYR B 126 -14.58 -17.43 -4.42
C TYR B 126 -13.14 -17.08 -4.20
N PRO B 127 -12.22 -17.74 -4.92
CA PRO B 127 -10.79 -17.45 -4.77
C PRO B 127 -10.50 -16.02 -5.13
N HIS B 128 -9.52 -15.41 -4.49
CA HIS B 128 -9.17 -14.03 -4.75
C HIS B 128 -7.64 -14.03 -4.54
N LEU B 129 -6.91 -13.22 -5.29
CA LEU B 129 -5.46 -13.19 -5.17
C LEU B 129 -4.93 -12.67 -3.83
N ALA B 130 -5.65 -11.76 -3.14
CA ALA B 130 -5.16 -11.26 -1.87
C ALA B 130 -5.14 -12.42 -0.85
N PRO B 131 -6.27 -13.16 -0.65
CA PRO B 131 -6.33 -14.29 0.29
C PRO B 131 -5.39 -15.44 -0.11
N THR B 132 -5.19 -15.60 -1.41
CA THR B 132 -4.29 -16.60 -1.97
C THR B 132 -2.87 -16.27 -1.56
N TYR B 133 -2.48 -15.03 -1.78
CA TYR B 133 -1.15 -14.60 -1.38
C TYR B 133 -0.93 -14.88 0.10
N ALA B 134 -1.94 -14.53 0.90
CA ALA B 134 -1.90 -14.71 2.34
C ALA B 134 -1.82 -16.17 2.73
N ALA B 135 -2.69 -17.00 2.17
CA ALA B 135 -2.76 -18.42 2.50
C ALA B 135 -1.41 -19.06 2.22
N VAL B 136 -0.86 -18.80 1.05
CA VAL B 136 0.44 -19.36 0.67
C VAL B 136 1.54 -18.92 1.65
N ASN B 137 1.56 -17.63 2.02
CA ASN B 137 2.56 -17.17 2.95
C ASN B 137 2.39 -17.88 4.30
N ALA B 138 1.14 -18.05 4.72
CA ALA B 138 0.86 -18.70 5.99
C ALA B 138 1.44 -20.11 5.90
N LEU B 139 0.96 -20.89 4.95
CA LEU B 139 1.41 -22.27 4.77
C LEU B 139 2.93 -22.41 4.76
N CYS B 140 3.62 -21.40 4.24
CA CYS B 140 5.08 -21.45 4.20
C CYS B 140 5.69 -21.10 5.56
N ILE B 141 5.07 -20.17 6.29
CA ILE B 141 5.57 -19.83 7.60
C ILE B 141 5.55 -21.11 8.44
N ILE B 142 4.49 -21.90 8.31
CA ILE B 142 4.42 -23.16 9.03
C ILE B 142 5.56 -23.97 8.41
N GLY B 143 5.43 -24.25 7.12
CA GLY B 143 6.48 -24.95 6.40
C GLY B 143 6.75 -26.41 6.69
N THR B 144 5.75 -27.25 6.44
CA THR B 144 5.83 -28.69 6.70
C THR B 144 5.24 -29.43 5.51
N GLU B 145 5.60 -30.69 5.33
CA GLU B 145 5.06 -31.46 4.22
C GLU B 145 3.56 -31.24 4.15
N GLU B 146 2.92 -31.21 5.32
CA GLU B 146 1.47 -31.04 5.39
C GLU B 146 1.02 -29.69 4.83
N ALA B 147 1.58 -28.62 5.38
CA ALA B 147 1.19 -27.29 4.96
C ALA B 147 1.42 -27.14 3.47
N TYR B 148 2.65 -27.38 3.03
CA TYR B 148 2.97 -27.28 1.61
C TYR B 148 2.00 -28.09 0.76
N ASN B 149 1.65 -29.26 1.26
CA ASN B 149 0.78 -30.15 0.52
C ASN B 149 -0.66 -29.69 0.42
N VAL B 150 -1.04 -28.64 1.15
CA VAL B 150 -2.41 -28.14 1.10
C VAL B 150 -2.59 -27.44 -0.25
N ILE B 151 -1.53 -26.76 -0.68
CA ILE B 151 -1.52 -25.99 -1.94
C ILE B 151 -1.61 -26.82 -3.22
N ASN B 152 -2.69 -26.65 -3.95
CA ASN B 152 -2.90 -27.36 -5.22
C ASN B 152 -2.27 -26.57 -6.37
N ARG B 153 -1.04 -26.93 -6.71
CA ARG B 153 -0.23 -26.26 -7.73
C ARG B 153 -0.73 -26.33 -9.16
N GLU B 154 -1.38 -27.42 -9.50
CA GLU B 154 -1.87 -27.60 -10.86
C GLU B 154 -3.13 -26.73 -11.05
N LYS B 155 -3.83 -26.50 -9.95
CA LYS B 155 -5.05 -25.70 -9.97
C LYS B 155 -4.70 -24.24 -9.81
N LEU B 156 -3.62 -23.97 -9.10
CA LEU B 156 -3.18 -22.59 -8.85
C LEU B 156 -2.76 -21.94 -10.18
N LEU B 157 -2.13 -22.70 -11.04
CA LEU B 157 -1.72 -22.16 -12.34
C LEU B 157 -2.98 -21.86 -13.17
N GLN B 158 -3.93 -22.78 -13.16
CA GLN B 158 -5.17 -22.59 -13.91
C GLN B 158 -5.75 -21.26 -13.50
N TYR B 159 -5.90 -21.10 -12.18
CA TYR B 159 -6.46 -19.92 -11.60
C TYR B 159 -5.68 -18.68 -12.01
N LEU B 160 -4.37 -18.72 -11.83
CA LEU B 160 -3.52 -17.56 -12.18
C LEU B 160 -3.76 -17.19 -13.64
N TYR B 161 -3.80 -18.19 -14.49
CA TYR B 161 -4.03 -17.94 -15.90
C TYR B 161 -5.44 -17.40 -16.11
N SER B 162 -6.39 -17.76 -15.27
CA SER B 162 -7.76 -17.31 -15.43
C SER B 162 -7.91 -15.81 -15.23
N LEU B 163 -7.00 -15.22 -14.45
CA LEU B 163 -7.05 -13.79 -14.16
C LEU B 163 -6.21 -12.92 -15.08
N LYS B 164 -5.24 -13.56 -15.71
CA LYS B 164 -4.29 -12.89 -16.62
C LYS B 164 -4.97 -12.06 -17.71
N GLN B 165 -4.49 -10.83 -17.88
CA GLN B 165 -5.00 -9.86 -18.84
C GLN B 165 -4.08 -9.66 -20.02
N PRO B 166 -4.66 -9.37 -21.19
CA PRO B 166 -3.84 -9.16 -22.37
C PRO B 166 -2.78 -8.10 -22.22
N ASP B 167 -3.04 -7.06 -21.45
CA ASP B 167 -2.02 -6.01 -21.28
C ASP B 167 -0.96 -6.34 -20.23
N GLY B 168 -0.98 -7.54 -19.69
CA GLY B 168 0.01 -7.91 -18.71
C GLY B 168 -0.41 -7.91 -17.25
N SER B 169 -1.53 -7.26 -16.95
CA SER B 169 -2.04 -7.20 -15.61
C SER B 169 -2.92 -8.43 -15.37
N PHE B 170 -3.29 -8.66 -14.10
CA PHE B 170 -4.16 -9.76 -13.70
C PHE B 170 -5.35 -9.14 -12.96
N LEU B 171 -6.46 -9.86 -12.87
CA LEU B 171 -7.60 -9.37 -12.11
C LEU B 171 -7.30 -9.89 -10.71
N MET B 172 -7.97 -9.37 -9.70
CA MET B 172 -7.73 -9.87 -8.34
C MET B 172 -8.54 -11.14 -8.18
N HIS B 173 -9.67 -11.17 -8.87
CA HIS B 173 -10.54 -12.33 -8.87
C HIS B 173 -11.41 -12.28 -10.12
N VAL B 174 -12.10 -13.36 -10.44
CA VAL B 174 -12.96 -13.39 -11.62
C VAL B 174 -14.03 -12.33 -11.46
N GLY B 175 -14.07 -11.45 -12.44
CA GLY B 175 -15.05 -10.38 -12.40
C GLY B 175 -14.62 -9.29 -11.44
N GLY B 176 -13.38 -9.39 -10.96
CA GLY B 176 -12.87 -8.41 -10.01
C GLY B 176 -12.00 -7.32 -10.62
N GLU B 177 -11.55 -6.38 -9.78
CA GLU B 177 -10.72 -5.26 -10.20
C GLU B 177 -9.25 -5.59 -10.56
N VAL B 178 -8.60 -4.62 -11.20
CA VAL B 178 -7.20 -4.73 -11.59
C VAL B 178 -6.35 -3.57 -11.02
N ASP B 179 -5.19 -3.89 -10.44
CA ASP B 179 -4.25 -2.90 -9.88
C ASP B 179 -2.99 -3.71 -9.53
N VAL B 180 -1.87 -3.08 -9.26
CA VAL B 180 -0.62 -3.82 -8.98
C VAL B 180 -0.63 -4.95 -7.98
N ARG B 181 -1.53 -4.93 -7.00
CA ARG B 181 -1.54 -5.97 -5.99
C ARG B 181 -1.62 -7.32 -6.68
N SER B 182 -2.40 -7.40 -7.75
CA SER B 182 -2.60 -8.67 -8.45
C SER B 182 -1.27 -9.22 -9.01
N ALA B 183 -0.44 -8.31 -9.49
CA ALA B 183 0.83 -8.68 -10.08
C ALA B 183 1.78 -9.27 -9.05
N TYR B 184 1.85 -8.64 -7.87
CA TYR B 184 2.72 -9.08 -6.79
C TYR B 184 2.16 -10.37 -6.20
N CYS B 185 0.85 -10.41 -6.01
CA CYS B 185 0.23 -11.58 -5.43
C CYS B 185 0.52 -12.80 -6.29
N ALA B 186 0.27 -12.67 -7.59
CA ALA B 186 0.53 -13.79 -8.49
C ALA B 186 2.00 -14.17 -8.50
N ALA B 187 2.87 -13.19 -8.71
CA ALA B 187 4.30 -13.44 -8.72
C ALA B 187 4.82 -14.13 -7.43
N SER B 188 4.36 -13.68 -6.26
CA SER B 188 4.80 -14.23 -4.99
C SER B 188 4.40 -15.71 -4.83
N VAL B 189 3.13 -16.03 -5.10
CA VAL B 189 2.66 -17.42 -4.95
C VAL B 189 3.16 -18.36 -6.03
N ALA B 190 3.24 -17.87 -7.26
CA ALA B 190 3.69 -18.68 -8.39
C ALA B 190 5.15 -19.02 -8.26
N SER B 191 5.97 -18.06 -7.87
CA SER B 191 7.40 -18.31 -7.71
C SER B 191 7.68 -19.28 -6.55
N LEU B 192 7.14 -19.00 -5.37
CA LEU B 192 7.33 -19.84 -4.20
C LEU B 192 6.94 -21.29 -4.51
N THR B 193 5.77 -21.48 -5.11
CA THR B 193 5.30 -22.84 -5.42
C THR B 193 5.84 -23.38 -6.74
N ASN B 194 6.69 -22.61 -7.40
CA ASN B 194 7.30 -23.07 -8.66
C ASN B 194 6.27 -23.51 -9.70
N ILE B 195 5.48 -22.58 -10.21
CA ILE B 195 4.49 -22.88 -11.23
C ILE B 195 4.66 -21.89 -12.33
N ILE B 196 5.74 -21.10 -12.29
CA ILE B 196 5.97 -20.10 -13.33
C ILE B 196 6.39 -20.70 -14.65
N THR B 197 5.48 -20.64 -15.61
CA THR B 197 5.71 -21.14 -16.95
C THR B 197 6.40 -20.02 -17.69
N PRO B 198 6.77 -20.21 -18.97
CA PRO B 198 7.45 -19.16 -19.74
C PRO B 198 6.56 -17.96 -20.12
N ASP B 199 5.27 -18.17 -20.35
CA ASP B 199 4.39 -17.08 -20.73
C ASP B 199 3.42 -16.62 -19.63
N LEU B 200 3.56 -17.17 -18.43
CA LEU B 200 2.66 -16.77 -17.35
C LEU B 200 2.62 -15.24 -17.16
N PHE B 201 3.78 -14.65 -16.90
CA PHE B 201 3.87 -13.21 -16.66
C PHE B 201 4.27 -12.40 -17.87
N GLU B 202 3.85 -12.86 -19.05
CA GLU B 202 4.14 -12.20 -20.31
C GLU B 202 3.61 -10.77 -20.32
N GLY B 203 4.52 -9.81 -20.45
CA GLY B 203 4.11 -8.41 -20.46
C GLY B 203 3.78 -7.82 -19.12
N THR B 204 3.92 -8.60 -18.05
CA THR B 204 3.61 -8.11 -16.72
C THR B 204 4.61 -7.06 -16.23
N ALA B 205 5.88 -7.25 -16.52
CA ALA B 205 6.87 -6.29 -16.07
C ALA B 205 6.63 -4.96 -16.74
N GLU B 206 6.11 -4.99 -17.95
CA GLU B 206 5.87 -3.77 -18.70
C GLU B 206 4.69 -2.97 -18.18
N TRP B 207 3.67 -3.67 -17.72
CA TRP B 207 2.49 -3.03 -17.17
C TRP B 207 2.91 -2.39 -15.85
N ILE B 208 3.58 -3.16 -15.02
CA ILE B 208 4.02 -2.65 -13.74
C ILE B 208 4.88 -1.40 -13.89
N ALA B 209 5.67 -1.34 -14.96
CA ALA B 209 6.54 -0.20 -15.21
C ALA B 209 5.73 1.01 -15.67
N ARG B 210 4.52 0.79 -16.14
CA ARG B 210 3.67 1.88 -16.58
C ARG B 210 3.02 2.51 -15.38
N CYS B 211 3.03 1.79 -14.25
CA CYS B 211 2.43 2.31 -13.02
C CYS B 211 3.36 3.36 -12.37
N GLN B 212 4.65 3.35 -12.75
CA GLN B 212 5.62 4.33 -12.22
C GLN B 212 5.32 5.69 -12.87
N ASN B 213 5.03 6.70 -12.06
CA ASN B 213 4.69 8.04 -12.55
C ASN B 213 5.75 9.13 -12.31
N TRP B 214 5.40 10.37 -12.64
CA TRP B 214 6.28 11.54 -12.50
C TRP B 214 6.96 11.73 -11.14
N GLU B 215 6.45 11.05 -10.10
CA GLU B 215 6.98 11.16 -8.73
C GLU B 215 8.14 10.21 -8.43
N GLY B 216 8.35 9.24 -9.29
CA GLY B 216 9.42 8.30 -9.07
C GLY B 216 8.80 7.06 -8.44
N GLY B 217 7.60 7.23 -7.87
CA GLY B 217 6.90 6.13 -7.24
C GLY B 217 5.95 5.40 -8.17
N ILE B 218 5.33 4.34 -7.68
CA ILE B 218 4.43 3.52 -8.46
C ILE B 218 2.99 3.70 -7.95
N GLY B 219 2.02 3.71 -8.87
CA GLY B 219 0.61 3.87 -8.50
C GLY B 219 -0.18 2.58 -8.67
N GLY B 220 -1.46 2.55 -8.30
CA GLY B 220 -2.27 1.33 -8.42
C GLY B 220 -2.42 0.82 -9.83
N VAL B 221 -2.57 1.73 -10.77
CA VAL B 221 -2.71 1.43 -12.19
C VAL B 221 -1.99 2.58 -12.94
N PRO B 222 -1.59 2.37 -14.20
CA PRO B 222 -0.92 3.49 -14.88
C PRO B 222 -1.71 4.77 -14.81
N GLY B 223 -1.04 5.87 -14.46
CA GLY B 223 -1.70 7.15 -14.37
C GLY B 223 -2.00 7.63 -12.94
N MET B 224 -2.02 6.70 -12.00
CA MET B 224 -2.33 7.04 -10.62
C MET B 224 -1.17 7.51 -9.77
N GLU B 225 -1.52 8.19 -8.69
CA GLU B 225 -0.57 8.75 -7.74
C GLU B 225 0.32 7.70 -7.10
N ALA B 226 1.59 8.03 -6.91
CA ALA B 226 2.55 7.09 -6.32
C ALA B 226 2.07 6.83 -4.92
N HIS B 227 2.02 5.55 -4.57
CA HIS B 227 1.52 5.10 -3.29
C HIS B 227 2.44 4.02 -2.73
N GLY B 228 2.74 4.08 -1.44
CA GLY B 228 3.62 3.09 -0.84
C GLY B 228 3.27 1.62 -0.87
N GLY B 229 1.99 1.30 -0.73
CA GLY B 229 1.62 -0.12 -0.76
C GLY B 229 1.70 -0.67 -2.16
N TYR B 230 1.48 0.19 -3.16
CA TYR B 230 1.49 -0.21 -4.55
C TYR B 230 2.92 -0.24 -5.06
N THR B 231 3.75 0.66 -4.54
CA THR B 231 5.15 0.71 -4.95
C THR B 231 5.85 -0.55 -4.42
N PHE B 232 5.45 -1.03 -3.25
CA PHE B 232 6.08 -2.25 -2.73
C PHE B 232 5.64 -3.41 -3.63
N CYS B 233 4.37 -3.44 -4.01
CA CYS B 233 3.85 -4.51 -4.88
C CYS B 233 4.57 -4.53 -6.23
N GLY B 234 4.75 -3.34 -6.79
CA GLY B 234 5.41 -3.23 -8.06
C GLY B 234 6.87 -3.62 -8.00
N LEU B 235 7.65 -2.96 -7.16
CA LEU B 235 9.07 -3.25 -7.03
C LEU B 235 9.25 -4.73 -6.70
N ALA B 236 8.68 -5.20 -5.60
CA ALA B 236 8.82 -6.61 -5.22
C ALA B 236 8.44 -7.57 -6.36
N ALA B 237 7.41 -7.21 -7.14
CA ALA B 237 6.98 -8.06 -8.24
C ALA B 237 8.07 -8.09 -9.29
N LEU B 238 8.70 -6.94 -9.53
CA LEU B 238 9.76 -6.89 -10.52
C LEU B 238 11.01 -7.62 -10.02
N VAL B 239 11.27 -7.57 -8.72
CA VAL B 239 12.42 -8.26 -8.17
C VAL B 239 12.23 -9.75 -8.42
N ILE B 240 11.02 -10.24 -8.17
CA ILE B 240 10.72 -11.64 -8.38
C ILE B 240 10.99 -12.01 -9.86
N LEU B 241 10.37 -11.26 -10.75
CA LEU B 241 10.51 -11.46 -12.21
C LEU B 241 11.92 -11.12 -12.71
N LYS B 242 12.75 -10.64 -11.80
CA LYS B 242 14.13 -10.28 -12.11
C LYS B 242 14.16 -9.18 -13.15
N LYS B 243 13.30 -8.18 -12.98
CA LYS B 243 13.21 -7.06 -13.90
C LYS B 243 13.13 -5.68 -13.23
N GLU B 244 13.69 -5.53 -12.04
CA GLU B 244 13.66 -4.26 -11.33
C GLU B 244 14.05 -3.16 -12.30
N ARG B 245 15.01 -3.50 -13.15
CA ARG B 245 15.55 -2.56 -14.11
C ARG B 245 14.55 -1.96 -15.10
N SER B 246 13.32 -2.45 -15.09
CA SER B 246 12.30 -1.94 -16.02
C SER B 246 11.83 -0.60 -15.49
N LEU B 247 12.40 -0.18 -14.36
CA LEU B 247 12.01 1.09 -13.72
C LEU B 247 13.16 2.07 -13.65
N ASN B 248 12.88 3.31 -13.29
CA ASN B 248 13.95 4.28 -13.14
C ASN B 248 14.19 4.18 -11.63
N LEU B 249 15.18 3.38 -11.24
CA LEU B 249 15.50 3.16 -9.84
C LEU B 249 16.05 4.40 -9.15
N LYS B 250 16.58 5.34 -9.91
CA LYS B 250 17.12 6.51 -9.29
C LYS B 250 15.96 7.24 -8.66
N SER B 251 15.07 7.75 -9.49
CA SER B 251 13.89 8.49 -9.00
C SER B 251 13.02 7.69 -8.02
N LEU B 252 12.95 6.38 -8.19
CA LEU B 252 12.14 5.61 -7.26
C LEU B 252 12.82 5.79 -5.89
N LEU B 253 14.15 5.72 -5.85
CA LEU B 253 14.89 5.90 -4.62
C LEU B 253 14.68 7.26 -3.97
N GLN B 254 14.69 8.33 -4.76
CA GLN B 254 14.51 9.66 -4.21
C GLN B 254 13.10 9.75 -3.64
N TRP B 255 12.14 9.13 -4.34
CA TRP B 255 10.74 9.14 -3.89
C TRP B 255 10.55 8.42 -2.56
N VAL B 256 10.93 7.15 -2.48
CA VAL B 256 10.77 6.39 -1.25
C VAL B 256 11.44 7.08 -0.06
N THR B 257 12.70 7.48 -0.23
CA THR B 257 13.43 8.15 0.86
C THR B 257 12.77 9.46 1.30
N SER B 258 12.01 10.08 0.42
CA SER B 258 11.33 11.31 0.78
C SER B 258 10.11 11.01 1.65
N ARG B 259 9.67 9.76 1.64
CA ARG B 259 8.51 9.36 2.41
C ARG B 259 8.68 9.20 3.92
N GLN B 260 9.91 9.28 4.41
CA GLN B 260 10.11 9.16 5.83
C GLN B 260 9.92 10.55 6.39
N MET B 261 9.15 10.62 7.47
CA MET B 261 8.83 11.88 8.16
C MET B 261 9.96 12.37 9.02
N ARG B 262 10.57 13.48 8.61
CA ARG B 262 11.69 14.08 9.32
C ARG B 262 11.42 14.25 10.82
N PHE B 263 10.21 14.68 11.14
CA PHE B 263 9.88 14.86 12.55
C PHE B 263 9.37 13.61 13.25
N GLU B 264 8.55 12.80 12.60
CA GLU B 264 8.00 11.61 13.26
C GLU B 264 8.91 10.40 13.22
N GLY B 265 9.65 10.25 12.13
CA GLY B 265 10.54 9.10 12.01
C GLY B 265 9.99 7.94 11.21
N GLY B 266 8.67 7.80 11.22
CA GLY B 266 8.04 6.72 10.47
C GLY B 266 7.76 7.19 9.05
N PHE B 267 7.14 6.32 8.24
CA PHE B 267 6.88 6.65 6.82
C PHE B 267 5.45 7.04 6.48
N GLN B 268 5.29 7.71 5.35
CA GLN B 268 3.97 8.09 4.86
C GLN B 268 3.74 7.28 3.59
N GLY B 269 2.47 7.01 3.28
CA GLY B 269 2.17 6.23 2.10
C GLY B 269 2.19 7.04 0.81
N ARG B 270 1.90 8.33 0.92
CA ARG B 270 1.88 9.25 -0.21
C ARG B 270 2.45 10.60 0.16
N CYS B 271 3.06 11.30 -0.79
CA CYS B 271 3.58 12.63 -0.50
C CYS B 271 2.47 13.48 0.11
N ASN B 272 2.80 14.20 1.17
CA ASN B 272 1.83 15.06 1.83
C ASN B 272 0.65 14.37 2.55
N LYS B 273 0.84 13.13 2.97
CA LYS B 273 -0.20 12.42 3.72
C LYS B 273 0.42 12.32 5.13
N LEU B 274 -0.17 11.54 6.01
CA LEU B 274 0.38 11.43 7.35
C LEU B 274 1.13 10.12 7.53
N VAL B 275 1.89 10.05 8.64
CA VAL B 275 2.66 8.84 8.95
C VAL B 275 1.66 7.74 9.28
N ASP B 276 2.09 6.50 9.11
CA ASP B 276 1.25 5.35 9.43
C ASP B 276 2.14 4.14 9.60
N GLY B 277 2.08 3.53 10.77
CA GLY B 277 2.88 2.35 11.08
C GLY B 277 2.93 1.21 10.10
N CYS B 278 1.88 0.94 9.34
CA CYS B 278 1.95 -0.18 8.39
C CYS B 278 2.96 0.14 7.29
N TYR B 279 3.19 1.42 7.05
CA TYR B 279 4.10 1.83 5.99
C TYR B 279 5.52 1.69 6.41
N SER B 280 5.71 1.23 7.64
CA SER B 280 7.05 1.03 8.16
C SER B 280 7.56 -0.12 7.34
N PHE B 281 6.65 -0.94 6.81
CA PHE B 281 7.09 -2.06 5.96
C PHE B 281 6.90 -1.80 4.46
N TRP B 282 5.74 -1.31 4.06
CA TRP B 282 5.50 -1.10 2.64
C TRP B 282 6.52 -0.12 2.04
N GLN B 283 6.85 0.95 2.77
CA GLN B 283 7.81 1.93 2.27
C GLN B 283 9.26 1.60 2.62
N ALA B 284 9.54 1.31 3.89
CA ALA B 284 10.91 1.01 4.31
C ALA B 284 11.40 -0.29 3.67
N GLY B 285 10.48 -1.22 3.42
CA GLY B 285 10.89 -2.47 2.81
C GLY B 285 11.44 -2.29 1.40
N LEU B 286 11.19 -1.14 0.78
CA LEU B 286 11.65 -0.84 -0.57
C LEU B 286 13.15 -0.55 -0.70
N LEU B 287 13.81 -0.22 0.41
CA LEU B 287 15.23 0.06 0.37
C LEU B 287 16.03 -1.24 0.25
N PRO B 288 15.72 -2.29 1.06
CA PRO B 288 16.49 -3.51 0.91
C PRO B 288 16.33 -4.02 -0.51
N LEU B 289 15.12 -3.86 -1.04
CA LEU B 289 14.83 -4.30 -2.40
C LEU B 289 15.69 -3.47 -3.33
N LEU B 290 15.76 -2.18 -3.07
CA LEU B 290 16.56 -1.25 -3.87
C LEU B 290 18.08 -1.37 -3.60
N HIS B 291 18.47 -2.13 -2.58
CA HIS B 291 19.88 -2.25 -2.33
C HIS B 291 20.29 -3.27 -3.36
N ARG B 292 19.69 -4.45 -3.27
CA ARG B 292 19.98 -5.54 -4.20
C ARG B 292 19.98 -5.00 -5.61
N ALA B 293 18.84 -4.47 -6.02
CA ALA B 293 18.73 -3.91 -7.34
C ALA B 293 19.96 -3.09 -7.75
N LEU B 294 20.28 -2.05 -7.00
CA LEU B 294 21.41 -1.18 -7.33
C LEU B 294 22.77 -1.87 -7.30
N HIS B 295 22.99 -2.69 -6.29
CA HIS B 295 24.26 -3.37 -6.17
C HIS B 295 24.34 -4.35 -7.33
N ALA B 296 23.18 -4.89 -7.75
CA ALA B 296 23.09 -5.83 -8.85
C ALA B 296 23.65 -5.19 -10.11
N GLN B 297 23.41 -3.89 -10.28
CA GLN B 297 23.98 -3.24 -11.45
C GLN B 297 25.31 -2.63 -11.02
N GLY B 298 25.98 -3.35 -10.12
CA GLY B 298 27.27 -2.96 -9.59
C GLY B 298 27.41 -1.54 -9.12
N ASP B 299 26.63 -1.14 -8.13
CA ASP B 299 26.75 0.23 -7.62
C ASP B 299 27.78 0.26 -6.51
N PRO B 300 28.76 1.16 -6.64
CA PRO B 300 29.87 1.36 -5.71
C PRO B 300 29.52 2.18 -4.46
N ALA B 301 28.80 3.29 -4.64
CA ALA B 301 28.45 4.17 -3.54
C ALA B 301 27.53 3.62 -2.46
N LEU B 302 27.18 2.33 -2.54
CA LEU B 302 26.28 1.74 -1.55
C LEU B 302 26.92 1.31 -0.24
N SER B 303 26.25 1.61 0.87
CA SER B 303 26.71 1.29 2.23
C SER B 303 26.82 -0.22 2.47
N MET B 304 27.68 -0.60 3.40
CA MET B 304 27.87 -2.00 3.71
C MET B 304 27.34 -2.33 5.11
N SER B 305 26.62 -1.39 5.72
CA SER B 305 26.08 -1.57 7.06
C SER B 305 24.64 -1.13 7.31
N HIS B 306 24.13 -0.23 6.46
CA HIS B 306 22.78 0.30 6.64
C HIS B 306 21.93 0.44 5.38
N TRP B 307 20.63 0.63 5.57
CA TRP B 307 19.69 0.82 4.47
C TRP B 307 19.63 2.30 4.22
N MET B 308 19.19 2.70 3.05
CA MET B 308 19.11 4.10 2.70
C MET B 308 17.89 4.84 3.29
N PHE B 309 17.73 4.68 4.61
CA PHE B 309 16.71 5.34 5.40
C PHE B 309 17.19 5.34 6.85
N HIS B 310 16.65 6.22 7.68
CA HIS B 310 17.06 6.32 9.07
C HIS B 310 16.52 5.12 9.86
N GLN B 311 17.33 4.08 10.05
CA GLN B 311 16.89 2.89 10.79
C GLN B 311 16.54 3.21 12.24
N GLN B 312 17.30 4.13 12.81
CA GLN B 312 17.10 4.53 14.18
C GLN B 312 15.73 5.18 14.35
N ALA B 313 15.50 6.27 13.64
CA ALA B 313 14.23 6.99 13.72
C ALA B 313 12.98 6.12 13.51
N LEU B 314 13.02 5.18 12.58
CA LEU B 314 11.87 4.32 12.34
C LEU B 314 11.62 3.39 13.52
N GLN B 315 12.68 3.00 14.22
CA GLN B 315 12.55 2.10 15.36
C GLN B 315 12.03 2.86 16.57
N GLU B 316 12.37 4.14 16.66
CA GLU B 316 11.90 4.93 17.76
C GLU B 316 10.42 5.16 17.52
N TYR B 317 10.05 5.62 16.31
CA TYR B 317 8.64 5.86 15.98
C TYR B 317 7.79 4.65 16.41
N ILE B 318 8.13 3.47 15.90
CA ILE B 318 7.41 2.25 16.21
C ILE B 318 7.37 1.90 17.68
N LEU B 319 8.53 1.81 18.30
CA LEU B 319 8.62 1.46 19.72
C LEU B 319 7.89 2.45 20.62
N MET B 320 8.14 3.74 20.40
CA MET B 320 7.53 4.78 21.21
C MET B 320 6.08 5.05 20.87
N CYS B 321 5.79 5.29 19.58
CA CYS B 321 4.44 5.65 19.15
C CYS B 321 3.40 4.62 18.67
N CYS B 322 3.85 3.48 18.13
CA CYS B 322 2.91 2.48 17.59
C CYS B 322 2.63 1.21 18.40
N GLN B 323 2.93 1.21 19.68
CA GLN B 323 2.72 0.02 20.49
C GLN B 323 1.48 0.15 21.39
N CYS B 324 0.65 -0.89 21.43
CA CYS B 324 -0.54 -0.84 22.29
C CYS B 324 -0.20 -1.49 23.63
N PRO B 325 -0.44 -0.79 24.74
CA PRO B 325 -0.15 -1.29 26.08
C PRO B 325 -0.71 -2.67 26.27
N ALA B 326 -1.96 -2.83 25.91
CA ALA B 326 -2.65 -4.11 26.05
C ALA B 326 -2.17 -5.17 25.06
N GLY B 327 -1.29 -4.78 24.14
CA GLY B 327 -0.82 -5.74 23.14
C GLY B 327 -1.29 -5.29 21.75
N GLY B 328 -0.53 -5.68 20.73
CA GLY B 328 -0.85 -5.25 19.38
C GLY B 328 -0.20 -3.91 19.08
N LEU B 329 -0.01 -3.63 17.79
CA LEU B 329 0.59 -2.37 17.36
C LEU B 329 -0.46 -1.59 16.60
N LEU B 330 -0.15 -0.35 16.24
CA LEU B 330 -1.12 0.45 15.55
C LEU B 330 -0.58 1.51 14.60
N ASP B 331 -1.51 2.10 13.87
CA ASP B 331 -1.25 3.16 12.89
C ASP B 331 -0.39 4.26 13.50
N LYS B 332 -0.95 4.94 14.49
CA LYS B 332 -0.26 6.02 15.15
C LYS B 332 -1.01 6.19 16.46
N PRO B 333 -0.49 7.02 17.37
CA PRO B 333 -1.19 7.20 18.64
C PRO B 333 -2.65 7.64 18.49
N GLY B 334 -3.52 6.97 19.24
CA GLY B 334 -4.95 7.26 19.19
C GLY B 334 -5.71 6.20 18.41
N LYS B 335 -5.10 5.75 17.31
CA LYS B 335 -5.67 4.74 16.43
C LYS B 335 -5.84 3.43 17.20
N SER B 336 -6.75 2.57 16.76
CA SER B 336 -6.98 1.30 17.44
C SER B 336 -6.04 0.25 16.91
N ARG B 337 -5.86 -0.79 17.70
CA ARG B 337 -4.99 -1.90 17.36
C ARG B 337 -5.65 -2.98 16.51
N ASP B 338 -4.85 -3.60 15.65
CA ASP B 338 -5.34 -4.66 14.80
C ASP B 338 -4.15 -5.48 14.33
N PHE B 339 -4.42 -6.68 13.84
CA PHE B 339 -3.40 -7.60 13.37
C PHE B 339 -2.66 -7.16 12.13
N TYR B 340 -3.26 -6.27 11.35
CA TYR B 340 -2.62 -5.79 10.14
C TYR B 340 -1.46 -4.87 10.50
N HIS B 341 -1.70 -3.91 11.38
CA HIS B 341 -0.65 -3.01 11.81
C HIS B 341 0.32 -3.75 12.71
N THR B 342 -0.17 -4.76 13.42
CA THR B 342 0.68 -5.51 14.31
C THR B 342 1.66 -6.20 13.39
N CYS B 343 1.18 -6.89 12.38
CA CYS B 343 2.04 -7.59 11.44
C CYS B 343 2.98 -6.67 10.66
N TYR B 344 2.56 -5.46 10.35
CA TYR B 344 3.41 -4.55 9.60
C TYR B 344 4.34 -3.61 10.37
N CYS B 345 3.99 -3.26 11.61
CA CYS B 345 4.86 -2.41 12.42
C CYS B 345 6.04 -3.33 12.79
N LEU B 346 5.72 -4.58 13.12
CA LEU B 346 6.75 -5.52 13.49
C LEU B 346 7.63 -5.80 12.30
N SER B 347 7.04 -6.10 11.13
CA SER B 347 7.82 -6.38 9.93
C SER B 347 8.78 -5.22 9.61
N GLY B 348 8.32 -4.00 9.87
CA GLY B 348 9.15 -2.83 9.63
C GLY B 348 10.25 -2.64 10.65
N LEU B 349 9.98 -3.03 11.89
CA LEU B 349 10.96 -2.91 12.97
C LEU B 349 12.11 -3.82 12.56
N SER B 350 11.75 -5.03 12.18
CA SER B 350 12.71 -6.03 11.76
C SER B 350 13.52 -5.57 10.54
N ILE B 351 12.88 -4.87 9.62
CA ILE B 351 13.62 -4.40 8.46
C ILE B 351 14.65 -3.42 9.02
N ALA B 352 14.20 -2.48 9.84
CA ALA B 352 15.06 -1.45 10.44
C ALA B 352 16.21 -1.97 11.32
N GLN B 353 16.02 -3.12 11.96
CA GLN B 353 17.04 -3.69 12.84
C GLN B 353 18.05 -4.54 12.12
N HIS B 354 17.72 -5.01 10.92
CA HIS B 354 18.65 -5.90 10.24
C HIS B 354 19.09 -5.54 8.85
N PHE B 355 20.40 -5.39 8.68
CA PHE B 355 20.97 -5.05 7.39
C PHE B 355 21.74 -6.24 6.87
N GLY B 356 21.97 -6.25 5.56
CA GLY B 356 22.69 -7.33 4.91
C GLY B 356 23.23 -6.73 3.61
N SER B 357 24.23 -7.37 3.00
CA SER B 357 24.82 -6.86 1.75
C SER B 357 25.87 -7.84 1.25
N GLY B 358 25.52 -9.12 1.24
CA GLY B 358 26.43 -10.14 0.78
C GLY B 358 26.83 -10.97 1.98
N ALA B 359 27.78 -10.46 2.76
CA ALA B 359 28.25 -11.14 3.95
C ALA B 359 28.39 -10.12 5.06
N MET B 360 27.79 -8.94 4.83
CA MET B 360 27.79 -7.87 5.81
C MET B 360 26.57 -8.11 6.71
N LEU B 361 26.62 -7.68 7.97
CA LEU B 361 25.48 -7.92 8.85
C LEU B 361 25.37 -6.89 10.00
N HIS B 362 25.09 -5.63 9.69
CA HIS B 362 24.98 -4.60 10.72
C HIS B 362 23.57 -4.37 11.29
N ASP B 363 23.18 -5.23 12.23
CA ASP B 363 21.90 -5.10 12.89
C ASP B 363 21.98 -3.86 13.80
N VAL B 364 20.83 -3.20 14.00
CA VAL B 364 20.71 -2.01 14.83
C VAL B 364 19.51 -2.24 15.71
N VAL B 365 19.70 -2.58 16.99
CA VAL B 365 18.54 -2.80 17.84
C VAL B 365 18.38 -1.68 18.86
N MET B 366 17.27 -0.95 18.73
CA MET B 366 16.95 0.13 19.60
C MET B 366 16.44 -0.37 20.93
N GLY B 367 16.92 0.26 22.00
CA GLY B 367 16.51 -0.08 23.34
C GLY B 367 16.92 -1.48 23.78
N VAL B 368 16.19 -1.99 24.77
CA VAL B 368 16.39 -3.30 25.33
C VAL B 368 16.69 -4.25 24.14
N PRO B 369 17.87 -4.90 24.16
CA PRO B 369 18.30 -5.84 23.11
C PRO B 369 17.39 -7.02 22.92
N GLU B 370 16.37 -7.10 23.76
CA GLU B 370 15.41 -8.19 23.71
C GLU B 370 14.39 -7.72 22.66
N ASN B 371 14.58 -6.49 22.18
CA ASN B 371 13.69 -5.88 21.21
C ASN B 371 13.95 -6.39 19.77
N VAL B 372 15.08 -7.07 19.57
CA VAL B 372 15.41 -7.58 18.25
C VAL B 372 14.48 -8.70 17.79
N LEU B 373 14.04 -8.59 16.53
CA LEU B 373 13.11 -9.55 15.94
C LEU B 373 13.76 -10.49 14.96
N GLN B 374 13.10 -11.60 14.70
CA GLN B 374 13.62 -12.57 13.75
C GLN B 374 13.62 -11.85 12.42
N PRO B 375 14.40 -12.30 11.47
CA PRO B 375 14.45 -11.62 10.18
C PRO B 375 13.26 -11.93 9.25
N THR B 376 13.05 -11.04 8.29
CA THR B 376 11.97 -11.20 7.33
C THR B 376 12.52 -10.87 5.95
N HIS B 377 12.08 -11.63 4.96
CA HIS B 377 12.49 -11.49 3.55
C HIS B 377 11.80 -10.27 2.94
N PRO B 378 12.56 -9.27 2.45
CA PRO B 378 11.98 -8.06 1.86
C PRO B 378 11.11 -8.17 0.60
N VAL B 379 10.87 -9.38 0.12
CA VAL B 379 10.03 -9.57 -1.06
C VAL B 379 8.74 -10.30 -0.66
N TYR B 380 8.88 -11.38 0.09
CA TYR B 380 7.74 -12.16 0.54
C TYR B 380 7.18 -11.74 1.88
N ASN B 381 8.02 -11.11 2.69
CA ASN B 381 7.65 -10.71 4.02
C ASN B 381 7.30 -11.91 4.88
N ILE B 382 8.16 -12.92 4.78
CA ILE B 382 8.09 -14.11 5.61
C ILE B 382 9.58 -14.38 5.87
N GLY B 383 9.86 -15.10 6.95
CA GLY B 383 11.23 -15.40 7.31
C GLY B 383 12.01 -15.90 6.13
N PRO B 384 13.18 -15.31 5.85
CA PRO B 384 14.05 -15.69 4.74
C PRO B 384 14.32 -17.19 4.69
N ASP B 385 14.22 -17.87 5.83
CA ASP B 385 14.46 -19.31 5.92
C ASP B 385 13.27 -20.10 5.38
N LYS B 386 12.06 -19.60 5.64
CA LYS B 386 10.82 -20.22 5.21
C LYS B 386 10.74 -20.08 3.70
N VAL B 387 11.21 -18.94 3.22
CA VAL B 387 11.22 -18.66 1.81
C VAL B 387 12.09 -19.72 1.17
N ILE B 388 13.37 -19.71 1.53
CA ILE B 388 14.34 -20.68 1.01
C ILE B 388 13.85 -22.11 1.13
N GLN B 389 13.28 -22.45 2.27
CA GLN B 389 12.80 -23.81 2.51
C GLN B 389 11.65 -24.17 1.56
N ALA B 390 10.74 -23.24 1.35
CA ALA B 390 9.57 -23.49 0.51
C ALA B 390 9.94 -23.62 -0.97
N THR B 391 10.60 -22.60 -1.53
CA THR B 391 10.95 -22.63 -2.94
C THR B 391 11.65 -23.92 -3.34
N THR B 392 12.65 -24.32 -2.58
CA THR B 392 13.39 -25.53 -2.88
C THR B 392 12.52 -26.77 -2.78
N HIS B 393 11.59 -26.80 -1.82
CA HIS B 393 10.73 -27.98 -1.68
C HIS B 393 9.84 -28.14 -2.90
N PHE B 394 9.34 -27.01 -3.41
CA PHE B 394 8.44 -27.03 -4.56
C PHE B 394 9.27 -27.12 -5.81
N LEU B 395 10.54 -26.80 -5.67
CA LEU B 395 11.47 -26.84 -6.79
C LEU B 395 11.73 -28.29 -7.22
N GLN B 396 11.45 -29.26 -6.37
CA GLN B 396 11.64 -30.67 -6.72
C GLN B 396 10.35 -31.23 -7.34
N LYS B 397 9.50 -30.33 -7.79
CA LYS B 397 8.24 -30.67 -8.44
C LYS B 397 8.35 -30.01 -9.82
N PRO B 398 7.77 -30.61 -10.85
CA PRO B 398 7.87 -29.97 -12.15
C PRO B 398 6.82 -28.87 -12.28
N VAL B 399 7.19 -27.80 -12.97
CA VAL B 399 6.27 -26.70 -13.19
C VAL B 399 5.11 -27.35 -13.92
N PRO B 400 3.86 -27.10 -13.49
CA PRO B 400 2.70 -27.70 -14.15
C PRO B 400 2.66 -27.36 -15.64
N GLY B 401 3.43 -28.14 -16.40
CA GLY B 401 3.51 -27.95 -17.84
C GLY B 401 2.34 -28.56 -18.55
N PHE B 402 1.84 -27.84 -19.55
CA PHE B 402 0.66 -28.35 -20.32
C PHE B 402 0.51 -27.96 -21.88
ZN ZN C . -1.82 1.68 8.43
P HFP D . -5.03 4.96 1.73
O1P HFP D . -5.89 6.04 2.19
O2P HFP D . -3.65 5.49 1.19
O3P HFP D . -4.76 3.94 2.86
C1 HFP D . -5.92 4.07 0.33
O1 HFP D . -7.37 3.98 0.57
C2 HFP D . -5.36 2.67 0.22
C3 HFP D . -5.12 2.06 -0.95
C4 HFP D . -5.43 2.70 -2.25
C5 HFP D . -4.53 0.67 -1.03
C6 HFP D . -3.40 0.43 0.03
C7 HFP D . -2.50 -0.71 -0.42
C8 HFP D . -1.69 -1.36 0.45
C9 HFP D . -1.61 -0.93 1.91
C10 HFP D . -0.78 -2.49 0.00
C11 HFP D . -1.54 -3.75 -0.23
C12 HFP D . -0.60 -4.88 -0.56
C13 HFP D . -1.00 -6.18 -0.79
C14 HFP D . -2.47 -6.61 -0.77
C15 HFP D . 0.02 -7.27 -1.08
C1 FTH E . -7.63 3.54 8.66
N2 FTH E . -6.53 2.59 8.40
C3 FTH E . -5.27 2.65 8.85
N4 FTH E . -4.52 1.64 8.44
C5 FTH E . -5.30 0.88 7.69
C6 FTH E . -6.57 1.47 7.66
C7 FTH E . -7.86 1.03 6.95
C8 FTH E . -7.72 -0.02 5.82
N9 FTH E . -7.33 -1.28 6.40
C10 FTH E . -8.35 -2.31 6.50
C11 FTH E . -8.09 -3.29 7.56
C12 FTH E . -7.50 -4.54 7.23
C13 FTH E . -7.24 -5.48 8.29
C14 FTH E . -7.56 -5.14 9.64
C15 FTH E . -7.28 -6.09 10.67
N16 FTH E . -7.14 -6.87 11.48
C17 FTH E . -8.15 -3.89 9.96
C18 FTH E . -8.41 -2.97 8.92
C19 FTH E . -6.76 0.49 4.68
O20 FTH E . -6.26 1.62 4.67
N21 FTH E . -6.58 -0.32 3.64
C22 FTH E . -7.08 0.09 2.40
C23 FTH E . -6.47 -0.51 1.19
C24 FTH E . -5.82 -1.85 1.33
C25 FTH E . -5.59 -2.41 2.56
C26 FTH E . -5.92 -1.67 3.83
C27 FTH E . -5.03 -3.75 2.63
C28 FTH E . -3.64 -3.97 2.36
C29 FTH E . -3.08 -5.28 2.43
C30 FTH E . -3.88 -6.38 2.76
C31 FTH E . -5.26 -6.19 3.05
C32 FTH E . -6.06 -7.32 3.38
C33 FTH E . -7.44 -7.14 3.68
C34 FTH E . -8.03 -5.85 3.63
C35 FTH E . -7.26 -4.72 3.29
C36 FTH E . -5.86 -4.88 2.97
C37 FTH E . -5.54 -2.53 0.07
N38 FTH E . -5.16 -3.05 -0.90
#